data_4XMT
#
_entry.id   4XMT
#
_cell.length_a   120.473
_cell.length_b   120.473
_cell.length_c   170.620
_cell.angle_alpha   90.00
_cell.angle_beta   90.00
_cell.angle_gamma   120.00
#
_symmetry.space_group_name_H-M   'P 31 2 1'
#
loop_
_entity.id
_entity.type
_entity.pdbx_description
1 polymer 'Aminopeptidase N'
2 non-polymer 'ZINC ION'
3 non-polymer 'DIAMINOPROPANOIC ACID'
4 non-polymer 'SODIUM ION'
5 non-polymer GLYCEROL
6 non-polymer 'MALONATE ION'
7 water water
#
_entity_poly.entity_id   1
_entity_poly.type   'polypeptide(L)'
_entity_poly.pdbx_seq_one_letter_code
;QPQAKYRHDYRAPDYQITDIDLTFDLDAQKTVVTAVSQAVRHGASDAPLRLNGEDLKLVSVHINDEPWTAWKEEEGALVI
SNLPERFTLKIINEISPAANTALEGLYQSGDALCTQCEAEGFRHITYYLDRPDVLARFTTKIIADKIKYPFLLSNGNRVA
QGELENGRHWVQWQDPFPKPCYLFALVAGDFDVLRDTFTTRSGREVALELYVDRGNLDRAPWAMTSLKNSMKWDEERFGL
EYDLDIYMIVAVDFFNAGAMENKGLNIFNSKYVLARTDTATDKDYLDIERVIGHEYFHNWTGNRVTCRDWFQLSLKEGLT
VFRDQEFSSDLGSRAVNRINNVRTMRGLQFAEDASPMAHPIRPDMVIEMNNFYTLTVYEKGAEVIRMIHTLLGEENFQKG
MQLYFERHDGSAATCDDFVQAMEDASNVDLSHFRRWYSQSGTPIVTVKDDYNPETEQYTLTISQRTPATPDQAEKQPLHI
PFAIELYDNEGKVIPLQKGGHPVNSVLNVTQAEQTFVFDNVYFQPVPALLCEFSAPVKLEYKWSDQQLTFLMRHARNDFS
RWDAAQSLLATYIKLNVARHQQGQPLSLPVHVADAFRAVLLDEKIDPALAAEILTLPSVNEMAELFDIIDPIAIAEVREA
LTRTLATELADELLAIYNANYQSEYRVEHEDIAKRTLRNACLRFLAFGETHLADVLVSKQFHEANNMTDALAALSAAVAA
QLPCRDALMQEYDDKWHQNGLVMDKWFILQATSPAANVLETVRGLLQHRSFTMSNPNRIRSLIGAFAGSNPAAFHAEDGS
GYLFLVEMLTDLNSRNPQVASRLIEPLIRLKRYDAKRQEKMRAALEQLKGLENLSGDLYEKITKALA
;
_entity_poly.pdbx_strand_id   A
#
loop_
_chem_comp.id
_chem_comp.type
_chem_comp.name
_chem_comp.formula
GOL non-polymer GLYCEROL 'C3 H8 O3'
MLI non-polymer 'MALONATE ION' 'C3 H2 O4 -2'
NA non-polymer 'SODIUM ION' 'Na 1'
ZN non-polymer 'ZINC ION' 'Zn 2'
#
# COMPACT_ATOMS: atom_id res chain seq x y z
N GLN A 1 -20.42 -11.73 -13.57
CA GLN A 1 -21.65 -11.18 -14.24
C GLN A 1 -22.31 -9.96 -13.61
N PRO A 2 -21.72 -9.35 -12.57
CA PRO A 2 -22.38 -8.09 -12.38
C PRO A 2 -21.89 -7.16 -13.50
N GLN A 3 -22.59 -6.05 -13.67
CA GLN A 3 -22.35 -5.11 -14.72
C GLN A 3 -21.31 -4.13 -14.18
N ALA A 4 -20.55 -3.55 -15.08
CA ALA A 4 -19.62 -2.50 -14.75
C ALA A 4 -20.40 -1.26 -14.38
N LYS A 5 -19.88 -0.53 -13.42
CA LYS A 5 -20.37 0.85 -13.19
C LYS A 5 -19.37 1.90 -13.69
N TYR A 6 -19.91 3.07 -14.02
CA TYR A 6 -19.15 4.09 -14.73
C TYR A 6 -19.18 5.39 -14.03
N ARG A 7 -18.03 5.99 -13.96
CA ARG A 7 -17.94 7.27 -13.27
C ARG A 7 -18.86 8.32 -13.85
N HIS A 8 -18.95 8.33 -15.19
CA HIS A 8 -19.75 9.37 -15.86
C HIS A 8 -21.26 9.17 -15.58
N ASP A 9 -21.64 8.06 -14.99
CA ASP A 9 -23.04 7.84 -14.56
C ASP A 9 -23.39 8.41 -13.20
N TYR A 10 -22.50 9.14 -12.54
CA TYR A 10 -22.80 9.62 -11.22
C TYR A 10 -24.03 10.51 -11.21
N ARG A 11 -24.93 10.31 -10.27
CA ARG A 11 -26.04 11.25 -10.05
C ARG A 11 -26.39 11.37 -8.54
N ALA A 12 -26.69 12.57 -8.14
CA ALA A 12 -27.10 12.88 -6.76
C ALA A 12 -28.23 11.95 -6.32
N PRO A 13 -28.20 11.48 -5.05
CA PRO A 13 -29.19 10.47 -4.66
C PRO A 13 -30.62 11.08 -4.61
N ASP A 14 -31.59 10.26 -4.94
CA ASP A 14 -33.00 10.61 -4.84
C ASP A 14 -33.42 10.84 -3.39
N TYR A 15 -32.85 10.11 -2.43
CA TYR A 15 -33.10 10.27 -1.01
C TYR A 15 -31.83 10.42 -0.25
N GLN A 16 -31.87 11.21 0.81
CA GLN A 16 -30.80 11.28 1.79
C GLN A 16 -31.30 10.67 3.11
N ILE A 17 -30.37 10.18 3.92
CA ILE A 17 -30.63 9.78 5.29
C ILE A 17 -29.83 10.71 6.13
N THR A 18 -30.42 11.37 7.11
CA THR A 18 -29.72 12.37 7.93
C THR A 18 -29.25 11.81 9.24
N ASP A 19 -29.99 10.84 9.75
CA ASP A 19 -29.75 10.30 11.10
C ASP A 19 -30.12 8.84 11.09
N ILE A 20 -29.35 8.00 11.75
CA ILE A 20 -29.68 6.60 11.84
C ILE A 20 -29.37 6.11 13.23
N ASP A 21 -30.38 5.43 13.81
CA ASP A 21 -30.31 4.81 15.12
CA ASP A 21 -30.26 4.81 15.10
C ASP A 21 -30.28 3.31 14.94
N LEU A 22 -29.17 2.66 15.27
CA LEU A 22 -29.03 1.23 15.05
C LEU A 22 -29.06 0.50 16.40
N THR A 23 -29.69 -0.67 16.46
CA THR A 23 -29.59 -1.54 17.58
C THR A 23 -29.14 -2.93 17.10
N PHE A 24 -28.13 -3.51 17.76
CA PHE A 24 -27.70 -4.83 17.44
C PHE A 24 -27.96 -5.69 18.62
N ASP A 25 -28.74 -6.74 18.44
CA ASP A 25 -28.85 -7.84 19.40
C ASP A 25 -27.89 -8.93 18.95
N LEU A 26 -26.71 -8.88 19.50
CA LEU A 26 -25.55 -9.60 19.01
C LEU A 26 -25.47 -10.99 19.45
N ASP A 27 -25.17 -11.83 18.46
CA ASP A 27 -24.89 -13.23 18.66
C ASP A 27 -24.18 -13.74 17.41
N ALA A 28 -23.18 -14.60 17.62
CA ALA A 28 -22.37 -15.10 16.50
C ALA A 28 -23.19 -15.83 15.45
N GLN A 29 -24.19 -16.63 15.87
CA GLN A 29 -24.99 -17.33 14.92
C GLN A 29 -26.10 -16.48 14.31
N LYS A 30 -26.72 -15.63 15.08
CA LYS A 30 -27.84 -14.85 14.59
C LYS A 30 -27.90 -13.50 15.28
N THR A 31 -27.53 -12.45 14.55
CA THR A 31 -27.61 -11.10 15.06
C THR A 31 -28.82 -10.45 14.47
N VAL A 32 -29.59 -9.77 15.27
CA VAL A 32 -30.74 -9.03 14.86
C VAL A 32 -30.41 -7.53 14.87
N VAL A 33 -30.59 -6.90 13.72
CA VAL A 33 -30.28 -5.49 13.51
C VAL A 33 -31.59 -4.76 13.37
N THR A 34 -31.81 -3.72 14.17
CA THR A 34 -32.93 -2.74 13.98
C THR A 34 -32.35 -1.41 13.60
N ALA A 35 -32.81 -0.80 12.52
CA ALA A 35 -32.23 0.40 11.99
C ALA A 35 -33.35 1.40 11.73
N VAL A 36 -33.31 2.53 12.42
CA VAL A 36 -34.29 3.53 12.29
C VAL A 36 -33.63 4.70 11.65
N SER A 37 -34.03 5.04 10.43
CA SER A 37 -33.37 6.05 9.68
C SER A 37 -34.35 7.22 9.44
N GLN A 38 -33.84 8.44 9.51
CA GLN A 38 -34.63 9.64 9.15
C GLN A 38 -34.26 10.03 7.77
N ALA A 39 -35.23 9.95 6.88
CA ALA A 39 -34.98 10.10 5.43
C ALA A 39 -35.65 11.34 4.90
N VAL A 40 -35.11 11.83 3.80
CA VAL A 40 -35.62 13.03 3.05
C VAL A 40 -35.48 12.80 1.56
N ARG A 41 -36.58 13.00 0.87
CA ARG A 41 -36.63 12.91 -0.59
C ARG A 41 -36.08 14.19 -1.23
N HIS A 42 -35.06 14.05 -2.08
CA HIS A 42 -34.52 15.11 -2.91
C HIS A 42 -34.97 14.96 -4.33
N GLY A 43 -35.26 13.76 -4.80
CA GLY A 43 -35.59 13.60 -6.19
C GLY A 43 -37.04 13.78 -6.51
N ALA A 44 -37.47 13.16 -7.60
CA ALA A 44 -38.85 13.26 -7.98
C ALA A 44 -39.76 12.58 -7.01
N SER A 45 -40.96 13.13 -6.87
CA SER A 45 -42.01 12.60 -6.01
C SER A 45 -42.35 11.20 -6.18
N ASP A 46 -42.26 10.73 -7.40
CA ASP A 46 -42.57 9.34 -7.66
C ASP A 46 -41.37 8.39 -7.64
N ALA A 47 -40.20 8.88 -7.23
CA ALA A 47 -38.99 8.02 -7.27
C ALA A 47 -39.04 7.09 -6.01
N PRO A 48 -38.83 5.80 -6.23
CA PRO A 48 -38.79 4.88 -5.05
C PRO A 48 -37.46 5.04 -4.31
N LEU A 49 -37.41 4.61 -3.05
CA LEU A 49 -36.16 4.55 -2.33
C LEU A 49 -35.58 3.22 -2.65
N ARG A 50 -34.35 3.18 -3.16
CA ARG A 50 -33.66 1.93 -3.43
C ARG A 50 -32.52 1.68 -2.45
N LEU A 51 -32.67 0.72 -1.56
CA LEU A 51 -31.68 0.47 -0.57
C LEU A 51 -30.82 -0.68 -1.04
N ASN A 52 -29.51 -0.67 -0.75
CA ASN A 52 -28.69 -1.79 -1.01
C ASN A 52 -28.76 -2.79 0.14
N GLY A 53 -28.67 -4.05 -0.20
CA GLY A 53 -28.56 -5.10 0.82
C GLY A 53 -28.04 -6.37 0.26
N GLU A 54 -27.21 -7.09 1.03
CA GLU A 54 -26.64 -8.35 0.57
C GLU A 54 -26.69 -9.36 1.69
N ASP A 55 -27.27 -10.54 1.43
CA ASP A 55 -27.40 -11.64 2.39
C ASP A 55 -28.02 -11.24 3.73
N LEU A 56 -29.16 -10.57 3.66
CA LEU A 56 -29.87 -10.14 4.85
C LEU A 56 -31.15 -10.95 4.92
N LYS A 57 -31.61 -11.24 6.10
CA LYS A 57 -32.98 -11.87 6.21
C LYS A 57 -33.92 -10.84 6.71
N LEU A 58 -34.77 -10.32 5.82
CA LEU A 58 -35.62 -9.19 6.19
C LEU A 58 -36.75 -9.63 7.11
N VAL A 59 -36.97 -8.95 8.21
CA VAL A 59 -37.98 -9.30 9.17
C VAL A 59 -39.17 -8.35 9.07
N SER A 60 -38.93 -7.04 8.99
CA SER A 60 -40.00 -6.10 8.83
C SER A 60 -39.57 -4.76 8.28
N VAL A 61 -40.53 -4.05 7.71
CA VAL A 61 -40.32 -2.72 7.16
C VAL A 61 -41.43 -1.81 7.60
N HIS A 62 -41.14 -0.70 8.30
CA HIS A 62 -42.17 0.23 8.75
C HIS A 62 -41.79 1.63 8.28
N ILE A 63 -42.79 2.46 7.98
CA ILE A 63 -42.56 3.85 7.60
C ILE A 63 -43.43 4.65 8.51
N ASN A 64 -42.83 5.52 9.31
CA ASN A 64 -43.50 6.18 10.43
C ASN A 64 -44.27 5.25 11.31
N ASP A 65 -43.68 4.12 11.69
CA ASP A 65 -44.37 3.10 12.45
C ASP A 65 -45.56 2.41 11.79
N GLU A 66 -45.81 2.63 10.54
CA GLU A 66 -46.80 1.83 9.80
C GLU A 66 -46.10 0.68 9.01
N PRO A 67 -46.52 -0.60 9.23
CA PRO A 67 -46.00 -1.70 8.45
C PRO A 67 -46.25 -1.40 7.00
N TRP A 68 -45.24 -1.54 6.17
CA TRP A 68 -45.34 -1.03 4.82
C TRP A 68 -45.59 -2.13 3.86
N THR A 69 -46.46 -1.89 2.89
CA THR A 69 -46.82 -2.96 1.91
C THR A 69 -46.25 -2.66 0.55
N ALA A 70 -45.89 -1.40 0.30
CA ALA A 70 -45.45 -1.00 -1.02
C ALA A 70 -43.88 -1.15 -1.15
N TRP A 71 -43.41 -2.37 -1.13
CA TRP A 71 -41.97 -2.62 -1.29
C TRP A 71 -41.76 -3.93 -2.04
N LYS A 72 -40.55 -4.16 -2.54
CA LYS A 72 -40.21 -5.43 -3.03
C LYS A 72 -38.70 -5.59 -2.85
N GLU A 73 -38.27 -6.84 -2.65
CA GLU A 73 -36.87 -7.19 -2.69
C GLU A 73 -36.49 -7.62 -4.10
N GLU A 74 -35.38 -7.12 -4.61
CA GLU A 74 -34.76 -7.57 -5.83
CA GLU A 74 -34.77 -7.64 -5.82
C GLU A 74 -33.29 -7.91 -5.53
N GLU A 75 -32.57 -8.35 -6.54
CA GLU A 75 -31.19 -8.76 -6.41
C GLU A 75 -30.40 -7.57 -5.86
N GLY A 76 -29.83 -7.72 -4.70
CA GLY A 76 -29.00 -6.66 -4.11
C GLY A 76 -29.77 -5.48 -3.54
N ALA A 77 -31.10 -5.57 -3.44
CA ALA A 77 -31.86 -4.35 -3.15
C ALA A 77 -33.18 -4.58 -2.43
N LEU A 78 -33.63 -3.51 -1.79
CA LEU A 78 -34.99 -3.41 -1.29
C LEU A 78 -35.50 -2.13 -1.84
N VAL A 79 -36.56 -2.20 -2.62
CA VAL A 79 -37.11 -1.04 -3.31
C VAL A 79 -38.42 -0.62 -2.70
N ILE A 80 -38.50 0.58 -2.15
CA ILE A 80 -39.64 0.98 -1.31
C ILE A 80 -40.31 2.12 -2.05
N SER A 81 -41.58 1.93 -2.34
CA SER A 81 -42.36 2.88 -3.18
C SER A 81 -43.33 3.73 -2.37
N ASN A 82 -43.77 4.82 -2.99
CA ASN A 82 -44.91 5.63 -2.58
C ASN A 82 -44.72 6.33 -1.24
N LEU A 83 -43.59 6.95 -1.09
CA LEU A 83 -43.21 7.49 0.17
C LEU A 83 -43.50 9.00 0.32
N PRO A 84 -43.63 9.44 1.57
CA PRO A 84 -43.68 10.85 1.77
C PRO A 84 -42.35 11.54 1.55
N GLU A 85 -42.36 12.86 1.64
CA GLU A 85 -41.13 13.61 1.41
C GLU A 85 -40.12 13.47 2.56
N ARG A 86 -40.59 13.35 3.79
CA ARG A 86 -39.80 13.13 4.98
C ARG A 86 -40.45 12.04 5.79
N PHE A 87 -39.66 11.11 6.30
CA PHE A 87 -40.22 9.96 7.05
C PHE A 87 -39.19 9.22 7.81
N THR A 88 -39.63 8.45 8.79
CA THR A 88 -38.79 7.52 9.57
C THR A 88 -38.92 6.14 8.95
N LEU A 89 -37.82 5.55 8.45
CA LEU A 89 -37.82 4.21 8.00
C LEU A 89 -37.33 3.35 9.13
N LYS A 90 -38.01 2.26 9.39
CA LYS A 90 -37.45 1.23 10.31
C LYS A 90 -37.37 -0.15 9.63
N ILE A 91 -36.19 -0.72 9.67
CA ILE A 91 -35.93 -2.06 9.06
C ILE A 91 -35.42 -2.91 10.20
N ILE A 92 -35.95 -4.13 10.34
CA ILE A 92 -35.37 -5.13 11.15
C ILE A 92 -34.95 -6.25 10.22
N ASN A 93 -33.75 -6.78 10.44
CA ASN A 93 -33.21 -7.90 9.63
C ASN A 93 -32.25 -8.70 10.42
N GLU A 94 -31.98 -9.92 9.95
CA GLU A 94 -31.05 -10.76 10.62
C GLU A 94 -29.83 -11.02 9.75
N ILE A 95 -28.69 -11.25 10.42
CA ILE A 95 -27.44 -11.64 9.71
C ILE A 95 -26.74 -12.69 10.55
N SER A 96 -25.68 -13.29 10.03
CA SER A 96 -25.01 -14.41 10.75
C SER A 96 -23.48 -14.24 10.67
N PRO A 97 -22.89 -13.62 11.67
CA PRO A 97 -21.50 -13.31 11.66
C PRO A 97 -20.61 -14.52 11.52
N ALA A 98 -21.00 -15.58 12.17
CA ALA A 98 -20.25 -16.87 12.08
C ALA A 98 -20.20 -17.43 10.67
N ALA A 99 -21.17 -17.19 9.80
CA ALA A 99 -21.10 -17.73 8.44
C ALA A 99 -20.25 -16.80 7.55
N ASN A 100 -19.78 -15.66 8.06
CA ASN A 100 -19.17 -14.66 7.22
C ASN A 100 -17.66 -14.90 7.03
N THR A 101 -17.32 -15.75 6.05
CA THR A 101 -15.94 -16.09 5.81
C THR A 101 -15.28 -15.06 4.93
N ALA A 102 -16.04 -14.22 4.28
CA ALA A 102 -15.46 -13.19 3.40
C ALA A 102 -14.89 -12.00 4.17
N LEU A 103 -15.30 -11.87 5.41
CA LEU A 103 -14.82 -10.82 6.31
C LEU A 103 -15.18 -9.40 5.82
N GLU A 104 -16.42 -9.25 5.37
CA GLU A 104 -16.97 -8.01 4.90
C GLU A 104 -18.33 -7.89 5.55
N GLY A 105 -18.58 -6.80 6.25
CA GLY A 105 -19.75 -6.70 7.05
C GLY A 105 -19.41 -6.96 8.51
N LEU A 106 -20.33 -7.62 9.20
CA LEU A 106 -20.12 -8.07 10.59
C LEU A 106 -19.66 -9.53 10.63
N TYR A 107 -18.50 -9.79 11.21
CA TYR A 107 -17.98 -11.10 11.18
C TYR A 107 -17.26 -11.46 12.47
N GLN A 108 -16.78 -12.69 12.53
CA GLN A 108 -16.11 -13.17 13.72
C GLN A 108 -14.58 -13.20 13.52
N SER A 109 -13.80 -12.60 14.45
CA SER A 109 -12.35 -12.69 14.46
C SER A 109 -11.88 -13.39 15.72
N GLY A 110 -11.61 -14.70 15.65
CA GLY A 110 -11.38 -15.52 16.89
C GLY A 110 -12.69 -15.57 17.67
N ASP A 111 -12.64 -15.11 18.91
CA ASP A 111 -13.85 -14.97 19.72
C ASP A 111 -14.51 -13.56 19.68
N ALA A 112 -13.89 -12.61 19.01
CA ALA A 112 -14.46 -11.29 18.84
C ALA A 112 -15.42 -11.17 17.70
N LEU A 113 -16.29 -10.17 17.78
CA LEU A 113 -17.11 -9.75 16.64
C LEU A 113 -16.63 -8.41 16.23
N CYS A 114 -16.45 -8.24 14.91
CA CYS A 114 -16.00 -6.94 14.36
C CYS A 114 -16.51 -6.69 12.98
N THR A 115 -16.38 -5.45 12.55
CA THR A 115 -16.89 -5.07 11.24
C THR A 115 -15.80 -4.66 10.29
N GLN A 116 -16.08 -4.80 8.99
CA GLN A 116 -15.37 -4.08 7.94
C GLN A 116 -16.42 -3.63 6.92
N CYS A 117 -16.60 -2.33 6.83
CA CYS A 117 -17.61 -1.74 5.96
C CYS A 117 -17.11 -1.09 4.67
N GLU A 118 -15.84 -0.72 4.56
CA GLU A 118 -15.35 -0.19 3.29
C GLU A 118 -15.02 -1.33 2.33
N ALA A 119 -15.38 -1.23 1.03
CA ALA A 119 -16.15 -0.12 0.43
C ALA A 119 -17.68 -0.19 0.63
N GLU A 120 -18.21 -1.38 0.43
CA GLU A 120 -19.68 -1.70 0.42
C GLU A 120 -20.08 -2.85 1.31
N GLY A 121 -19.59 -2.81 2.53
CA GLY A 121 -19.84 -3.84 3.47
C GLY A 121 -21.01 -3.53 4.38
N PHE A 122 -21.38 -2.27 4.58
CA PHE A 122 -22.50 -1.96 5.49
C PHE A 122 -23.82 -2.57 4.97
N ARG A 123 -23.95 -2.67 3.65
CA ARG A 123 -25.09 -3.37 3.02
C ARG A 123 -25.20 -4.83 3.40
N HIS A 124 -24.12 -5.42 3.92
CA HIS A 124 -24.20 -6.80 4.45
C HIS A 124 -24.69 -6.88 5.92
N ILE A 125 -24.92 -5.71 6.50
CA ILE A 125 -25.40 -5.55 7.85
C ILE A 125 -26.90 -5.14 7.89
N THR A 126 -27.28 -4.15 7.11
CA THR A 126 -28.70 -3.83 6.94
C THR A 126 -28.94 -3.17 5.56
N TYR A 127 -30.19 -2.95 5.20
CA TYR A 127 -30.58 -2.33 3.93
C TYR A 127 -30.35 -0.82 4.08
N TYR A 128 -29.54 -0.23 3.24
CA TYR A 128 -29.12 1.13 3.46
C TYR A 128 -28.72 1.80 2.17
N LEU A 129 -28.57 3.12 2.23
CA LEU A 129 -28.00 3.89 1.10
C LEU A 129 -26.48 3.77 1.20
N ASP A 130 -25.97 2.64 0.74
CA ASP A 130 -24.56 2.31 0.95
C ASP A 130 -23.70 2.94 -0.15
N ARG A 131 -23.57 4.27 -0.04
CA ARG A 131 -22.89 5.12 -0.99
C ARG A 131 -22.36 6.33 -0.19
N PRO A 132 -21.13 6.79 -0.50
CA PRO A 132 -20.46 7.63 0.44
C PRO A 132 -20.85 9.11 0.41
N ASP A 133 -21.67 9.49 -0.54
CA ASP A 133 -22.26 10.79 -0.54
C ASP A 133 -23.54 10.91 0.30
N VAL A 134 -23.94 9.84 0.97
CA VAL A 134 -25.02 9.91 1.96
C VAL A 134 -24.33 9.92 3.35
N LEU A 135 -24.39 11.03 4.00
CA LEU A 135 -23.78 11.18 5.30
C LEU A 135 -24.86 11.36 6.40
N ALA A 136 -24.76 10.56 7.44
CA ALA A 136 -25.81 10.51 8.48
C ALA A 136 -25.13 10.51 9.86
N ARG A 137 -25.86 11.03 10.85
CA ARG A 137 -25.44 10.97 12.27
C ARG A 137 -25.87 9.67 12.84
N PHE A 138 -24.91 8.89 13.30
CA PHE A 138 -25.18 7.55 13.84
C PHE A 138 -25.27 7.52 15.36
N THR A 139 -26.24 6.73 15.87
CA THR A 139 -26.23 6.27 17.24
CA THR A 139 -26.35 6.31 17.26
C THR A 139 -26.32 4.77 17.16
N THR A 140 -25.59 4.07 18.03
CA THR A 140 -25.45 2.63 17.94
C THR A 140 -25.59 2.02 19.31
N LYS A 141 -26.65 1.24 19.48
CA LYS A 141 -26.88 0.48 20.66
C LYS A 141 -26.52 -0.98 20.43
N ILE A 142 -25.75 -1.53 21.34
CA ILE A 142 -25.25 -2.91 21.19
C ILE A 142 -25.64 -3.68 22.46
N ILE A 143 -26.28 -4.83 22.27
CA ILE A 143 -26.80 -5.71 23.30
C ILE A 143 -26.13 -7.04 23.13
N ALA A 144 -25.47 -7.54 24.18
CA ALA A 144 -24.82 -8.79 24.07
C ALA A 144 -24.68 -9.54 25.44
N ASP A 145 -24.28 -10.78 25.34
CA ASP A 145 -23.79 -11.57 26.52
C ASP A 145 -22.62 -10.94 27.17
N LYS A 146 -22.75 -10.66 28.49
CA LYS A 146 -21.73 -9.93 29.17
C LYS A 146 -20.44 -10.66 29.35
N ILE A 147 -20.49 -11.96 29.59
CA ILE A 147 -19.28 -12.71 29.81
C ILE A 147 -18.50 -12.89 28.52
N LYS A 148 -19.18 -13.21 27.44
CA LYS A 148 -18.45 -13.36 26.17
C LYS A 148 -17.99 -12.00 25.56
N TYR A 149 -18.82 -10.96 25.73
CA TYR A 149 -18.56 -9.66 25.12
C TYR A 149 -18.65 -8.54 26.15
N PRO A 150 -17.68 -8.46 27.03
CA PRO A 150 -17.69 -7.39 28.06
C PRO A 150 -17.36 -6.01 27.53
N PHE A 151 -16.66 -5.92 26.40
CA PHE A 151 -16.44 -4.64 25.70
C PHE A 151 -17.30 -4.57 24.43
N LEU A 152 -18.15 -3.54 24.35
CA LEU A 152 -19.06 -3.30 23.24
C LEU A 152 -18.73 -1.88 22.77
N LEU A 153 -18.10 -1.83 21.61
CA LEU A 153 -17.60 -0.59 21.08
C LEU A 153 -18.25 -0.20 19.75
N SER A 154 -18.52 1.10 19.60
CA SER A 154 -18.80 1.68 18.26
C SER A 154 -18.26 3.12 18.21
N ASN A 155 -18.45 3.80 17.06
CA ASN A 155 -17.87 5.14 16.83
C ASN A 155 -18.43 6.13 17.89
N GLY A 156 -17.56 7.02 18.33
CA GLY A 156 -17.86 8.18 19.08
C GLY A 156 -17.76 7.99 20.62
N ASN A 157 -18.77 8.46 21.33
CA ASN A 157 -18.78 8.45 22.81
C ASN A 157 -19.88 7.63 23.37
N ARG A 158 -19.66 7.02 24.51
CA ARG A 158 -20.72 6.33 25.21
C ARG A 158 -21.74 7.22 25.80
N VAL A 159 -22.99 7.05 25.49
CA VAL A 159 -24.02 7.93 26.00
C VAL A 159 -25.06 7.18 26.91
N ALA A 160 -25.05 5.85 26.93
CA ALA A 160 -26.02 5.07 27.69
C ALA A 160 -25.46 3.67 27.84
N GLN A 161 -25.86 3.03 28.93
CA GLN A 161 -25.49 1.66 29.26
C GLN A 161 -26.47 1.07 30.28
N GLY A 162 -26.66 -0.22 30.18
CA GLY A 162 -27.51 -0.94 31.13
C GLY A 162 -27.23 -2.42 31.14
N GLU A 163 -27.87 -3.06 32.10
CA GLU A 163 -27.82 -4.48 32.28
C GLU A 163 -29.21 -5.03 32.12
N LEU A 164 -29.26 -6.25 31.64
CA LEU A 164 -30.47 -6.88 31.35
C LEU A 164 -30.47 -8.24 32.06
N GLU A 165 -31.61 -8.88 32.00
CA GLU A 165 -31.74 -10.29 32.39
C GLU A 165 -30.90 -11.26 31.55
N ASN A 166 -30.60 -12.37 32.21
CA ASN A 166 -30.02 -13.51 31.57
C ASN A 166 -28.61 -13.23 31.14
N GLY A 167 -27.88 -12.43 31.90
CA GLY A 167 -26.46 -12.25 31.67
C GLY A 167 -26.10 -11.33 30.50
N ARG A 168 -27.06 -10.57 30.01
CA ARG A 168 -26.83 -9.61 28.93
C ARG A 168 -26.64 -8.20 29.43
N HIS A 169 -25.92 -7.44 28.61
CA HIS A 169 -25.78 -6.00 28.88
C HIS A 169 -25.75 -5.20 27.57
N TRP A 170 -25.83 -3.88 27.73
CA TRP A 170 -25.82 -3.04 26.52
C TRP A 170 -25.11 -1.75 26.71
N VAL A 171 -24.63 -1.20 25.60
CA VAL A 171 -23.94 0.10 25.57
C VAL A 171 -24.46 0.82 24.33
N GLN A 172 -24.72 2.10 24.45
CA GLN A 172 -25.06 2.95 23.34
C GLN A 172 -24.03 4.05 23.12
N TRP A 173 -23.72 4.27 21.85
CA TRP A 173 -22.65 5.14 21.37
C TRP A 173 -23.29 6.21 20.44
N GLN A 174 -22.76 7.40 20.47
CA GLN A 174 -23.13 8.41 19.57
C GLN A 174 -21.92 9.10 18.99
N ASP A 175 -21.97 9.33 17.69
CA ASP A 175 -20.85 9.98 16.99
C ASP A 175 -21.48 11.25 16.38
N PRO A 176 -21.02 12.42 16.81
CA PRO A 176 -21.75 13.56 16.36
C PRO A 176 -21.50 13.95 14.91
N PHE A 177 -20.42 13.45 14.33
CA PHE A 177 -20.08 13.85 12.97
C PHE A 177 -20.84 13.01 11.96
N PRO A 178 -21.55 13.65 11.04
CA PRO A 178 -22.12 12.86 9.96
C PRO A 178 -21.09 12.08 9.18
N LYS A 179 -21.45 10.84 8.80
CA LYS A 179 -20.54 9.96 8.15
C LYS A 179 -21.23 9.10 7.11
N PRO A 180 -20.51 8.78 6.03
CA PRO A 180 -20.94 7.69 5.17
C PRO A 180 -20.86 6.40 5.91
N CYS A 181 -21.69 5.44 5.57
CA CYS A 181 -21.66 4.20 6.26
C CYS A 181 -20.39 3.38 6.21
N TYR A 182 -19.49 3.59 5.22
CA TYR A 182 -18.28 2.81 5.15
C TYR A 182 -17.41 3.05 6.36
N LEU A 183 -17.67 4.14 7.08
CA LEU A 183 -16.89 4.52 8.26
C LEU A 183 -17.51 4.01 9.56
N PHE A 184 -18.64 3.32 9.47
CA PHE A 184 -19.25 2.66 10.64
C PHE A 184 -18.37 1.53 11.14
N ALA A 185 -18.28 1.42 12.48
CA ALA A 185 -17.71 0.21 13.03
C ALA A 185 -18.35 -0.26 14.30
N LEU A 186 -18.17 -1.55 14.56
CA LEU A 186 -18.68 -2.20 15.79
C LEU A 186 -17.69 -3.27 16.18
N VAL A 187 -17.36 -3.33 17.47
CA VAL A 187 -16.51 -4.38 17.97
C VAL A 187 -17.10 -4.89 19.25
N ALA A 188 -17.12 -6.21 19.41
CA ALA A 188 -17.55 -6.83 20.66
C ALA A 188 -16.57 -7.92 21.05
N GLY A 189 -16.10 -7.91 22.27
CA GLY A 189 -15.22 -9.02 22.70
C GLY A 189 -14.61 -8.75 24.06
N ASP A 190 -13.59 -9.53 24.37
CA ASP A 190 -12.87 -9.48 25.69
C ASP A 190 -11.44 -9.17 25.35
N PHE A 191 -10.93 -8.06 25.83
CA PHE A 191 -9.64 -7.54 25.42
C PHE A 191 -8.85 -7.09 26.65
N ASP A 192 -7.52 -7.05 26.52
CA ASP A 192 -6.71 -6.19 27.36
C ASP A 192 -6.72 -4.82 26.71
N VAL A 193 -6.62 -3.76 27.48
CA VAL A 193 -6.75 -2.43 26.94
C VAL A 193 -5.55 -1.60 27.44
N LEU A 194 -4.76 -1.01 26.56
CA LEU A 194 -3.71 -0.06 26.95
C LEU A 194 -4.30 1.32 26.84
N ARG A 195 -4.25 2.11 27.92
CA ARG A 195 -4.91 3.41 27.96
C ARG A 195 -3.88 4.48 28.19
N ASP A 196 -4.01 5.60 27.48
CA ASP A 196 -3.05 6.66 27.59
C ASP A 196 -3.81 7.91 27.19
N THR A 197 -3.12 9.04 27.10
CA THR A 197 -3.75 10.30 26.72
CA THR A 197 -3.77 10.32 26.79
C THR A 197 -2.87 11.13 25.88
N PHE A 198 -3.46 11.97 25.03
CA PHE A 198 -2.77 12.94 24.23
C PHE A 198 -3.52 14.25 24.47
N THR A 199 -2.77 15.29 24.72
CA THR A 199 -3.34 16.60 24.81
C THR A 199 -3.06 17.43 23.57
N THR A 200 -4.10 17.88 22.90
CA THR A 200 -3.86 18.56 21.65
C THR A 200 -3.24 19.94 21.92
N ARG A 201 -2.77 20.59 20.89
CA ARG A 201 -2.09 21.82 21.02
C ARG A 201 -3.03 22.89 21.67
N SER A 202 -4.29 22.91 21.32
CA SER A 202 -5.24 23.81 21.92
C SER A 202 -5.78 23.40 23.29
N GLY A 203 -5.36 22.26 23.78
CA GLY A 203 -5.72 21.79 25.09
C GLY A 203 -6.78 20.71 25.16
N ARG A 204 -7.25 20.14 24.07
CA ARG A 204 -8.25 19.09 24.15
C ARG A 204 -7.53 17.82 24.64
N GLU A 205 -8.06 17.20 25.68
CA GLU A 205 -7.48 15.99 26.16
C GLU A 205 -8.19 14.75 25.57
N VAL A 206 -7.43 13.93 24.93
CA VAL A 206 -7.98 12.82 24.17
C VAL A 206 -7.60 11.55 24.85
N ALA A 207 -8.59 10.75 25.24
CA ALA A 207 -8.27 9.47 25.78
C ALA A 207 -7.93 8.51 24.63
N LEU A 208 -6.80 7.84 24.76
CA LEU A 208 -6.37 6.80 23.77
C LEU A 208 -6.50 5.41 24.33
N GLU A 209 -7.13 4.50 23.57
CA GLU A 209 -7.45 3.18 24.03
C GLU A 209 -7.10 2.20 22.95
N LEU A 210 -6.16 1.35 23.24
CA LEU A 210 -5.80 0.31 22.32
C LEU A 210 -6.22 -1.03 22.85
N TYR A 211 -7.05 -1.71 22.12
CA TYR A 211 -7.67 -2.98 22.51
C TYR A 211 -6.93 -4.11 21.81
N VAL A 212 -6.46 -5.11 22.57
CA VAL A 212 -5.70 -6.23 22.02
C VAL A 212 -6.18 -7.48 22.69
N ASP A 213 -5.92 -8.63 22.09
CA ASP A 213 -6.35 -9.89 22.68
C ASP A 213 -5.67 -10.05 24.02
N ARG A 214 -6.36 -10.72 24.93
CA ARG A 214 -5.77 -11.02 26.23
C ARG A 214 -4.36 -11.62 26.11
N GLY A 215 -3.43 -11.05 26.86
CA GLY A 215 -2.09 -11.52 26.79
C GLY A 215 -1.17 -10.71 25.92
N ASN A 216 -1.68 -9.74 25.15
CA ASN A 216 -0.85 -9.01 24.17
C ASN A 216 -0.50 -7.62 24.60
N LEU A 217 -0.77 -7.29 25.85
CA LEU A 217 -0.46 -5.95 26.29
C LEU A 217 1.03 -5.66 26.26
N ASP A 218 1.86 -6.68 26.36
CA ASP A 218 3.34 -6.50 26.20
C ASP A 218 3.74 -6.01 24.76
N ARG A 219 2.84 -6.13 23.78
CA ARG A 219 3.20 -5.80 22.43
C ARG A 219 2.50 -4.52 21.94
N ALA A 220 1.84 -3.79 22.84
CA ALA A 220 1.09 -2.58 22.45
C ALA A 220 1.75 -1.22 22.54
N PRO A 221 2.79 -1.04 23.40
CA PRO A 221 3.27 0.32 23.58
C PRO A 221 3.86 1.05 22.37
N TRP A 222 4.55 0.35 21.49
CA TRP A 222 5.02 1.02 20.31
C TRP A 222 3.88 1.63 19.43
N ALA A 223 2.78 0.90 19.25
CA ALA A 223 1.65 1.43 18.49
C ALA A 223 1.07 2.64 19.18
N MET A 224 0.95 2.55 20.51
CA MET A 224 0.48 3.75 21.26
C MET A 224 1.40 4.94 21.08
N THR A 225 2.71 4.67 21.20
CA THR A 225 3.68 5.71 20.95
C THR A 225 3.55 6.34 19.56
N SER A 226 3.38 5.49 18.55
CA SER A 226 3.25 5.97 17.16
C SER A 226 1.97 6.78 16.96
N LEU A 227 0.91 6.41 17.67
CA LEU A 227 -0.33 7.17 17.59
C LEU A 227 -0.12 8.58 18.12
N LYS A 228 0.56 8.71 19.27
CA LYS A 228 0.88 10.03 19.81
C LYS A 228 1.81 10.82 18.85
N ASN A 229 2.83 10.16 18.31
CA ASN A 229 3.70 10.76 17.32
C ASN A 229 2.91 11.26 16.12
N SER A 230 1.94 10.49 15.65
CA SER A 230 1.14 10.85 14.48
CA SER A 230 1.26 10.91 14.46
C SER A 230 0.28 12.07 14.78
N MET A 231 -0.28 12.08 15.98
CA MET A 231 -1.11 13.23 16.34
C MET A 231 -0.28 14.50 16.44
N LYS A 232 0.88 14.42 17.09
CA LYS A 232 1.80 15.57 17.15
C LYS A 232 2.24 16.05 15.78
N TRP A 233 2.61 15.12 14.90
CA TRP A 233 3.05 15.54 13.57
C TRP A 233 1.96 16.17 12.76
N ASP A 234 0.72 15.66 12.82
CA ASP A 234 -0.31 16.30 12.04
C ASP A 234 -0.57 17.73 12.51
N GLU A 235 -0.43 17.96 13.83
CA GLU A 235 -0.48 19.32 14.32
C GLU A 235 0.65 20.17 13.78
N GLU A 236 1.88 19.71 13.88
CA GLU A 236 3.05 20.52 13.49
C GLU A 236 3.12 20.75 11.99
N ARG A 237 2.90 19.70 11.21
CA ARG A 237 3.02 19.83 9.76
C ARG A 237 1.82 20.39 9.03
N PHE A 238 0.63 19.88 9.33
CA PHE A 238 -0.53 20.28 8.62
C PHE A 238 -1.45 21.19 9.46
N GLY A 239 -1.16 21.37 10.76
CA GLY A 239 -2.06 22.23 11.53
C GLY A 239 -3.39 21.59 11.93
N LEU A 240 -3.41 20.27 12.01
CA LEU A 240 -4.69 19.54 12.18
C LEU A 240 -4.66 18.86 13.57
N GLU A 241 -5.75 19.03 14.32
CA GLU A 241 -5.96 18.40 15.56
C GLU A 241 -7.10 17.35 15.50
N TYR A 242 -7.02 16.37 16.38
CA TYR A 242 -8.10 15.44 16.57
C TYR A 242 -9.35 16.16 17.10
N ASP A 243 -10.52 15.62 16.73
CA ASP A 243 -11.78 16.37 16.86
C ASP A 243 -12.79 15.68 17.78
N LEU A 244 -12.38 14.58 18.40
CA LEU A 244 -13.21 13.88 19.33
C LEU A 244 -12.48 13.72 20.66
N ASP A 245 -13.10 12.98 21.57
CA ASP A 245 -12.65 12.87 23.02
C ASP A 245 -11.96 11.59 23.29
N ILE A 246 -12.23 10.59 22.46
CA ILE A 246 -11.68 9.25 22.58
C ILE A 246 -11.18 8.81 21.20
N TYR A 247 -10.05 8.10 21.20
CA TYR A 247 -9.45 7.50 19.99
C TYR A 247 -9.27 6.02 20.35
N MET A 248 -10.06 5.14 19.75
CA MET A 248 -9.91 3.72 19.94
C MET A 248 -9.32 3.06 18.74
N ILE A 249 -8.48 2.07 19.02
CA ILE A 249 -7.88 1.18 18.03
C ILE A 249 -8.09 -0.20 18.53
N VAL A 250 -8.55 -1.12 17.65
CA VAL A 250 -8.69 -2.52 18.02
C VAL A 250 -7.85 -3.34 17.08
N ALA A 251 -6.96 -4.17 17.63
CA ALA A 251 -6.12 -5.10 16.87
C ALA A 251 -6.85 -6.44 16.72
N VAL A 252 -7.15 -6.85 15.47
CA VAL A 252 -7.84 -8.13 15.22
C VAL A 252 -6.95 -9.03 14.35
N ASP A 253 -7.06 -10.34 14.52
CA ASP A 253 -6.17 -11.27 13.80
C ASP A 253 -6.66 -11.62 12.41
N PHE A 254 -7.95 -11.47 12.19
CA PHE A 254 -8.60 -11.86 10.95
C PHE A 254 -9.07 -10.58 10.26
N PHE A 255 -8.34 -10.17 9.22
CA PHE A 255 -8.60 -8.91 8.55
C PHE A 255 -8.01 -8.98 7.18
N ASN A 256 -8.80 -8.67 6.13
CA ASN A 256 -8.33 -8.75 4.77
C ASN A 256 -7.24 -7.75 4.37
N ALA A 257 -7.31 -6.57 4.88
CA ALA A 257 -6.32 -5.54 4.47
C ALA A 257 -5.43 -5.20 5.66
N GLY A 258 -4.93 -4.00 5.71
CA GLY A 258 -3.99 -3.55 6.71
C GLY A 258 -4.69 -2.93 7.90
N ALA A 259 -5.51 -1.94 7.64
CA ALA A 259 -6.24 -1.31 8.72
C ALA A 259 -7.37 -0.46 8.15
N MET A 260 -8.18 0.12 9.03
CA MET A 260 -9.39 0.82 8.58
C MET A 260 -9.65 2.03 9.46
N GLU A 261 -9.85 3.18 8.83
CA GLU A 261 -9.98 4.48 9.53
C GLU A 261 -11.35 4.82 10.12
N ASN A 262 -12.08 3.84 10.61
CA ASN A 262 -13.46 4.10 11.06
C ASN A 262 -13.40 5.21 12.12
N LYS A 263 -14.29 6.19 12.03
CA LYS A 263 -14.15 7.43 12.85
C LYS A 263 -14.11 7.08 14.35
N GLY A 264 -13.02 7.43 15.04
CA GLY A 264 -12.90 7.20 16.46
C GLY A 264 -12.70 5.78 16.90
N LEU A 265 -12.75 4.84 15.97
CA LEU A 265 -12.71 3.44 16.28
C LEU A 265 -12.03 2.71 15.13
N ASN A 266 -10.74 2.91 15.00
CA ASN A 266 -10.01 2.27 13.90
C ASN A 266 -9.94 0.76 14.23
N ILE A 267 -9.98 -0.10 13.19
CA ILE A 267 -9.84 -1.55 13.34
C ILE A 267 -8.61 -1.89 12.49
N PHE A 268 -7.62 -2.56 13.12
CA PHE A 268 -6.31 -2.80 12.55
C PHE A 268 -6.08 -4.31 12.44
N ASN A 269 -5.49 -4.73 11.33
CA ASN A 269 -4.86 -6.03 11.32
C ASN A 269 -3.78 -6.02 12.43
N SER A 270 -3.69 -7.07 13.25
CA SER A 270 -2.74 -7.09 14.32
CA SER A 270 -2.71 -7.17 14.30
C SER A 270 -1.31 -6.98 13.82
N LYS A 271 -1.05 -7.36 12.58
CA LYS A 271 0.30 -7.14 12.02
C LYS A 271 0.74 -5.74 12.08
N TYR A 272 -0.19 -4.79 12.01
CA TYR A 272 0.16 -3.38 12.11
C TYR A 272 -0.07 -2.72 13.46
N VAL A 273 -0.04 -3.51 14.51
CA VAL A 273 -0.12 -3.03 15.88
C VAL A 273 0.94 -3.72 16.77
N LEU A 274 1.02 -5.04 16.74
CA LEU A 274 1.74 -5.82 17.79
C LEU A 274 3.24 -5.94 17.49
N ALA A 275 4.07 -5.43 18.40
CA ALA A 275 5.54 -5.49 18.28
C ALA A 275 6.24 -5.55 19.65
N ARG A 276 7.25 -6.39 19.71
CA ARG A 276 8.26 -6.27 20.73
C ARG A 276 9.52 -6.75 20.11
N THR A 277 10.65 -6.53 20.76
CA THR A 277 11.92 -6.63 20.03
C THR A 277 12.27 -8.07 19.64
N ASP A 278 11.69 -9.05 20.29
CA ASP A 278 12.00 -10.43 19.91
C ASP A 278 11.00 -11.00 18.85
N THR A 279 9.92 -10.28 18.60
CA THR A 279 8.89 -10.71 17.63
C THR A 279 8.85 -9.88 16.32
N ALA A 280 9.36 -8.64 16.36
CA ALA A 280 9.14 -7.71 15.27
C ALA A 280 10.47 -7.18 14.84
N THR A 281 10.61 -6.96 13.54
CA THR A 281 11.81 -6.43 12.97
C THR A 281 11.72 -4.90 12.89
N ASP A 282 12.82 -4.28 12.54
CA ASP A 282 12.85 -2.82 12.34
C ASP A 282 11.80 -2.40 11.32
N LYS A 283 11.68 -3.17 10.27
CA LYS A 283 10.69 -2.92 9.23
C LYS A 283 9.26 -3.05 9.79
N ASP A 284 8.95 -4.03 10.64
CA ASP A 284 7.65 -4.08 11.32
C ASP A 284 7.43 -2.80 12.11
N TYR A 285 8.44 -2.37 12.86
CA TYR A 285 8.28 -1.15 13.69
C TYR A 285 7.92 0.05 12.79
N LEU A 286 8.66 0.26 11.70
CA LEU A 286 8.39 1.39 10.84
C LEU A 286 7.07 1.25 10.03
N ASP A 287 6.65 0.02 9.72
CA ASP A 287 5.34 -0.20 9.10
C ASP A 287 4.20 0.07 10.08
N ILE A 288 4.40 -0.29 11.36
CA ILE A 288 3.41 0.05 12.40
C ILE A 288 3.25 1.55 12.46
N GLU A 289 4.37 2.24 12.47
CA GLU A 289 4.37 3.67 12.53
C GLU A 289 3.66 4.28 11.34
N ARG A 290 3.97 3.81 10.13
CA ARG A 290 3.35 4.23 8.87
CA ARG A 290 3.36 4.42 8.98
C ARG A 290 1.83 4.09 8.90
N VAL A 291 1.37 2.90 9.31
CA VAL A 291 -0.02 2.52 9.20
C VAL A 291 -0.89 3.15 10.27
N ILE A 292 -0.38 3.15 11.51
CA ILE A 292 -0.96 3.98 12.58
C ILE A 292 -1.10 5.42 12.08
N GLY A 293 -0.05 6.00 11.51
CA GLY A 293 -0.12 7.35 11.03
C GLY A 293 -1.20 7.52 9.94
N HIS A 294 -1.12 6.63 8.97
CA HIS A 294 -2.04 6.66 7.82
C HIS A 294 -3.48 6.68 8.29
N GLU A 295 -3.90 5.77 9.16
CA GLU A 295 -5.31 5.76 9.60
C GLU A 295 -5.66 7.02 10.37
N TYR A 296 -4.72 7.52 11.17
CA TYR A 296 -4.91 8.75 11.91
C TYR A 296 -5.12 9.91 10.94
N PHE A 297 -4.28 9.98 9.94
CA PHE A 297 -4.32 11.06 8.95
C PHE A 297 -5.64 11.06 8.19
N HIS A 298 -6.25 9.92 7.99
CA HIS A 298 -7.55 9.85 7.35
C HIS A 298 -8.62 10.61 8.14
N ASN A 299 -8.37 10.85 9.43
CA ASN A 299 -9.39 11.55 10.17
C ASN A 299 -9.79 12.85 9.53
N TRP A 300 -8.83 13.51 8.92
CA TRP A 300 -9.15 14.67 8.07
C TRP A 300 -9.31 14.33 6.62
N THR A 301 -8.32 13.65 6.02
CA THR A 301 -8.31 13.40 4.59
C THR A 301 -8.97 12.05 4.34
N GLY A 302 -10.32 12.03 4.43
CA GLY A 302 -11.13 10.84 4.30
C GLY A 302 -12.40 10.92 5.15
N ASN A 303 -12.28 11.41 6.38
CA ASN A 303 -13.41 11.38 7.30
C ASN A 303 -14.08 12.79 7.38
N ARG A 304 -13.39 13.82 7.85
CA ARG A 304 -13.96 15.15 7.84
C ARG A 304 -14.29 15.66 6.43
N VAL A 305 -13.47 15.30 5.43
CA VAL A 305 -13.85 15.39 4.02
C VAL A 305 -13.75 13.99 3.43
N THR A 306 -14.89 13.45 2.99
CA THR A 306 -14.96 12.11 2.43
C THR A 306 -15.09 12.12 0.89
N CYS A 307 -15.38 10.98 0.30
CA CYS A 307 -15.48 10.79 -1.15
C CYS A 307 -16.93 10.85 -1.64
N ARG A 308 -17.20 11.66 -2.68
CA ARG A 308 -18.54 11.71 -3.25
C ARG A 308 -18.98 10.37 -3.80
N ASP A 309 -18.03 9.59 -4.32
CA ASP A 309 -18.34 8.28 -4.93
C ASP A 309 -17.04 7.51 -4.96
N TRP A 310 -17.06 6.19 -5.23
CA TRP A 310 -15.86 5.39 -5.11
C TRP A 310 -14.83 5.60 -6.21
N PHE A 311 -15.24 6.20 -7.30
CA PHE A 311 -14.30 6.57 -8.34
C PHE A 311 -13.35 7.64 -7.82
N GLN A 312 -13.73 8.36 -6.77
CA GLN A 312 -12.86 9.37 -6.14
C GLN A 312 -11.98 8.80 -4.98
N LEU A 313 -11.77 7.52 -4.93
CA LEU A 313 -11.01 6.91 -3.86
C LEU A 313 -9.67 7.56 -3.66
N SER A 314 -8.96 7.91 -4.74
CA SER A 314 -7.62 8.48 -4.61
C SER A 314 -7.65 9.84 -3.92
N LEU A 315 -8.80 10.51 -3.92
CA LEU A 315 -8.92 11.80 -3.20
C LEU A 315 -8.51 11.57 -1.70
N LYS A 316 -8.92 10.48 -1.09
CA LYS A 316 -8.45 10.17 0.27
C LYS A 316 -7.19 9.36 0.27
N GLU A 317 -7.06 8.41 -0.63
CA GLU A 317 -5.95 7.49 -0.47
C GLU A 317 -4.62 8.02 -0.99
N GLY A 318 -4.63 8.71 -2.13
CA GLY A 318 -3.38 9.26 -2.67
C GLY A 318 -2.94 10.29 -1.62
N LEU A 319 -3.86 11.15 -1.18
CA LEU A 319 -3.47 12.23 -0.25
C LEU A 319 -3.02 11.70 1.12
N THR A 320 -3.65 10.64 1.58
CA THR A 320 -3.33 10.06 2.95
C THR A 320 -2.04 9.26 2.88
N VAL A 321 -1.81 8.57 1.75
CA VAL A 321 -0.50 7.94 1.51
C VAL A 321 0.61 9.01 1.46
N PHE A 322 0.39 10.07 0.71
CA PHE A 322 1.33 11.18 0.72
C PHE A 322 1.62 11.64 2.15
N ARG A 323 0.57 11.83 2.94
CA ARG A 323 0.75 12.23 4.30
C ARG A 323 1.57 11.20 5.11
N ASP A 324 1.26 9.93 5.01
CA ASP A 324 2.01 8.93 5.76
C ASP A 324 3.47 8.88 5.32
N GLN A 325 3.73 9.13 4.06
CA GLN A 325 5.15 9.17 3.59
C GLN A 325 5.92 10.37 4.17
N GLU A 326 5.26 11.53 4.14
CA GLU A 326 5.77 12.74 4.76
C GLU A 326 6.05 12.62 6.25
N PHE A 327 5.16 11.95 6.95
CA PHE A 327 5.27 11.61 8.34
C PHE A 327 6.50 10.76 8.57
N SER A 328 6.55 9.64 7.90
CA SER A 328 7.71 8.75 7.97
C SER A 328 9.03 9.41 7.61
N SER A 329 8.99 10.22 6.56
CA SER A 329 10.14 10.93 6.06
C SER A 329 10.63 12.02 7.01
N ASP A 330 9.72 12.71 7.65
CA ASP A 330 10.06 13.78 8.62
C ASP A 330 10.66 13.13 9.87
N LEU A 331 10.07 12.05 10.39
CA LEU A 331 10.55 11.49 11.62
C LEU A 331 11.84 10.69 11.42
N GLY A 332 11.94 10.06 10.26
CA GLY A 332 13.02 9.12 10.02
C GLY A 332 13.94 9.62 8.94
N SER A 333 14.38 8.73 8.10
CA SER A 333 15.29 9.08 7.01
C SER A 333 14.49 9.45 5.78
N ARG A 334 14.53 10.68 5.34
CA ARG A 334 13.77 11.01 4.14
C ARG A 334 14.28 10.25 2.95
N ALA A 335 15.61 10.14 2.84
CA ALA A 335 16.20 9.48 1.68
C ALA A 335 15.78 8.02 1.61
N VAL A 336 15.83 7.29 2.71
CA VAL A 336 15.44 5.88 2.70
C VAL A 336 13.94 5.76 2.37
N ASN A 337 13.10 6.61 2.95
CA ASN A 337 11.67 6.58 2.57
C ASN A 337 11.45 6.82 1.07
N ARG A 338 12.06 7.82 0.53
CA ARG A 338 11.89 8.15 -0.87
C ARG A 338 12.38 6.99 -1.77
N ILE A 339 13.56 6.47 -1.46
CA ILE A 339 14.10 5.32 -2.14
C ILE A 339 13.12 4.17 -2.16
N ASN A 340 12.62 3.79 -1.01
CA ASN A 340 11.70 2.71 -0.93
C ASN A 340 10.37 2.92 -1.68
N ASN A 341 9.85 4.14 -1.59
CA ASN A 341 8.63 4.46 -2.31
C ASN A 341 8.84 4.44 -3.81
N VAL A 342 10.03 4.78 -4.29
CA VAL A 342 10.36 4.73 -5.70
C VAL A 342 10.57 3.29 -6.17
N ARG A 343 11.17 2.44 -5.31
CA ARG A 343 11.27 1.05 -5.64
CA ARG A 343 11.29 1.04 -5.62
C ARG A 343 9.89 0.41 -5.85
N THR A 344 8.94 0.78 -5.02
CA THR A 344 7.60 0.31 -5.12
C THR A 344 6.97 0.82 -6.41
N MET A 345 7.14 2.07 -6.71
CA MET A 345 6.56 2.62 -7.94
C MET A 345 7.08 1.96 -9.19
N ARG A 346 8.40 1.91 -9.29
CA ARG A 346 8.99 1.36 -10.49
C ARG A 346 8.89 -0.13 -10.61
N GLY A 347 8.97 -0.86 -9.51
CA GLY A 347 8.89 -2.25 -9.65
C GLY A 347 7.51 -2.96 -9.50
N LEU A 348 6.53 -2.32 -8.89
CA LEU A 348 5.21 -2.92 -8.60
C LEU A 348 4.16 -2.09 -9.30
N GLN A 349 4.16 -0.76 -9.13
CA GLN A 349 3.09 0.02 -9.76
C GLN A 349 3.24 0.12 -11.26
N PHE A 350 4.46 0.28 -11.74
CA PHE A 350 4.65 0.34 -13.19
C PHE A 350 4.18 -0.99 -13.82
N ALA A 351 4.40 -2.11 -13.15
CA ALA A 351 3.94 -3.38 -13.64
C ALA A 351 2.36 -3.44 -13.75
N GLU A 352 1.68 -2.83 -12.77
CA GLU A 352 0.21 -2.80 -12.83
C GLU A 352 -0.24 -1.90 -14.02
N ASP A 353 0.40 -0.75 -14.17
CA ASP A 353 0.11 0.16 -15.27
C ASP A 353 0.38 -0.43 -16.68
N ALA A 354 1.10 -1.53 -16.74
CA ALA A 354 1.41 -2.20 -17.98
C ALA A 354 0.58 -3.52 -18.04
N SER A 355 -0.40 -3.70 -17.13
CA SER A 355 -1.19 -4.92 -17.05
C SER A 355 -2.59 -4.73 -17.64
N PRO A 356 -3.34 -5.80 -17.78
CA PRO A 356 -4.73 -5.70 -18.16
C PRO A 356 -5.61 -4.94 -17.17
N MET A 357 -5.18 -4.81 -15.90
CA MET A 357 -5.95 -4.11 -14.89
C MET A 357 -5.62 -2.61 -14.87
N ALA A 358 -4.89 -2.11 -15.88
CA ALA A 358 -4.46 -0.68 -15.86
C ALA A 358 -5.66 0.26 -15.73
N HIS A 359 -5.53 1.32 -14.91
CA HIS A 359 -6.56 2.32 -14.72
C HIS A 359 -5.89 3.61 -14.31
N PRO A 360 -6.58 4.72 -14.55
CA PRO A 360 -6.16 6.00 -14.05
C PRO A 360 -6.35 6.01 -12.51
N ILE A 361 -5.67 6.92 -11.84
CA ILE A 361 -5.82 7.04 -10.43
C ILE A 361 -7.28 7.34 -10.04
N ARG A 362 -8.03 8.02 -10.89
CA ARG A 362 -9.49 8.15 -10.74
C ARG A 362 -10.10 7.23 -11.81
N PRO A 363 -10.47 5.98 -11.46
CA PRO A 363 -11.00 5.07 -12.48
C PRO A 363 -12.31 5.58 -13.15
N ASP A 364 -12.53 5.06 -14.36
CA ASP A 364 -13.73 5.34 -15.13
C ASP A 364 -14.74 4.24 -15.10
N MET A 365 -14.30 3.03 -14.78
CA MET A 365 -15.11 1.84 -14.87
C MET A 365 -14.66 0.84 -13.81
N VAL A 366 -15.62 0.37 -13.04
CA VAL A 366 -15.39 -0.58 -12.02
C VAL A 366 -16.52 -1.61 -11.96
N ILE A 367 -16.15 -2.88 -11.79
CA ILE A 367 -17.11 -3.92 -11.59
C ILE A 367 -17.21 -4.21 -10.10
N GLU A 368 -16.08 -4.50 -9.48
CA GLU A 368 -16.00 -4.77 -8.02
C GLU A 368 -15.01 -3.76 -7.40
N MET A 369 -15.55 -2.83 -6.64
CA MET A 369 -14.78 -1.72 -6.13
C MET A 369 -13.71 -2.19 -5.18
N ASN A 370 -13.83 -3.37 -4.55
CA ASN A 370 -12.72 -3.83 -3.74
C ASN A 370 -11.48 -4.17 -4.55
N ASN A 371 -11.61 -4.33 -5.86
CA ASN A 371 -10.46 -4.51 -6.75
C ASN A 371 -9.67 -3.27 -7.07
N PHE A 372 -10.11 -2.12 -6.62
CA PHE A 372 -9.46 -0.83 -6.97
C PHE A 372 -8.76 -0.13 -5.79
N TYR A 373 -8.46 -0.90 -4.75
CA TYR A 373 -7.56 -0.48 -3.64
C TYR A 373 -6.13 -0.83 -4.09
N THR A 374 -5.64 -0.12 -5.09
CA THR A 374 -4.48 -0.59 -5.89
C THR A 374 -3.22 0.25 -5.70
N LEU A 375 -2.09 -0.30 -6.09
CA LEU A 375 -0.84 0.43 -6.20
C LEU A 375 -1.04 1.70 -6.98
N THR A 376 -1.87 1.68 -8.01
CA THR A 376 -2.14 2.84 -8.77
C THR A 376 -2.86 3.90 -7.96
N VAL A 377 -4.02 3.55 -7.41
CA VAL A 377 -4.81 4.55 -6.64
C VAL A 377 -4.05 5.11 -5.44
N TYR A 378 -3.32 4.21 -4.74
CA TYR A 378 -2.52 4.58 -3.57
C TYR A 378 -1.18 5.26 -3.90
N GLU A 379 -0.28 4.49 -4.49
CA GLU A 379 1.10 4.93 -4.71
CA GLU A 379 1.11 4.93 -4.69
C GLU A 379 1.27 5.90 -5.83
N LYS A 380 0.76 5.58 -7.00
CA LYS A 380 0.71 6.60 -8.00
C LYS A 380 -0.12 7.81 -7.59
N GLY A 381 -1.23 7.56 -6.86
CA GLY A 381 -2.07 8.66 -6.36
C GLY A 381 -1.22 9.58 -5.52
N ALA A 382 -0.39 9.00 -4.66
CA ALA A 382 0.48 9.82 -3.81
C ALA A 382 1.54 10.55 -4.63
N GLU A 383 2.08 9.88 -5.65
CA GLU A 383 3.06 10.61 -6.56
C GLU A 383 2.40 11.82 -7.23
N VAL A 384 1.07 11.73 -7.53
CA VAL A 384 0.38 12.86 -8.13
C VAL A 384 0.24 14.02 -7.16
N ILE A 385 -0.13 13.72 -5.91
CA ILE A 385 -0.18 14.70 -4.83
C ILE A 385 1.24 15.31 -4.63
N ARG A 386 2.27 14.47 -4.65
CA ARG A 386 3.66 14.97 -4.57
C ARG A 386 4.09 15.88 -5.71
N MET A 387 3.60 15.62 -6.91
CA MET A 387 3.78 16.55 -8.04
C MET A 387 3.15 17.89 -7.81
N ILE A 388 1.93 17.90 -7.26
CA ILE A 388 1.31 19.16 -6.88
C ILE A 388 2.22 19.86 -5.88
N HIS A 389 2.71 19.16 -4.85
CA HIS A 389 3.59 19.74 -3.89
C HIS A 389 4.86 20.30 -4.56
N THR A 390 5.42 19.55 -5.50
CA THR A 390 6.56 20.02 -6.28
C THR A 390 6.27 21.31 -7.07
N LEU A 391 5.12 21.38 -7.69
CA LEU A 391 4.74 22.54 -8.44
C LEU A 391 4.38 23.75 -7.61
N LEU A 392 3.88 23.56 -6.41
CA LEU A 392 3.41 24.72 -5.60
C LEU A 392 4.38 25.13 -4.55
N GLY A 393 5.14 24.17 -4.03
CA GLY A 393 6.01 24.35 -2.87
C GLY A 393 5.21 24.17 -1.57
N GLU A 394 5.87 24.01 -0.45
CA GLU A 394 5.16 23.68 0.80
C GLU A 394 4.13 24.72 1.18
N GLU A 395 4.51 26.00 1.18
CA GLU A 395 3.66 27.04 1.67
C GLU A 395 2.37 27.09 0.87
N ASN A 396 2.45 27.11 -0.46
CA ASN A 396 1.24 27.15 -1.25
C ASN A 396 0.44 25.84 -1.15
N PHE A 397 1.13 24.72 -1.04
CA PHE A 397 0.46 23.43 -0.87
C PHE A 397 -0.40 23.43 0.45
N GLN A 398 0.16 23.94 1.54
CA GLN A 398 -0.59 24.08 2.79
C GLN A 398 -1.74 25.06 2.67
N LYS A 399 -1.56 26.16 1.92
CA LYS A 399 -2.70 27.04 1.63
C LYS A 399 -3.81 26.31 0.90
N GLY A 400 -3.45 25.51 -0.07
CA GLY A 400 -4.42 24.64 -0.74
C GLY A 400 -5.10 23.62 0.15
N MET A 401 -4.37 23.00 1.07
CA MET A 401 -4.99 22.12 2.11
C MET A 401 -6.03 22.89 2.91
N GLN A 402 -5.68 24.10 3.31
CA GLN A 402 -6.55 24.89 4.17
C GLN A 402 -7.80 25.28 3.41
N LEU A 403 -7.65 25.61 2.12
CA LEU A 403 -8.78 26.01 1.33
C LEU A 403 -9.67 24.79 1.06
N TYR A 404 -9.06 23.64 0.81
CA TYR A 404 -9.80 22.35 0.64
C TYR A 404 -10.68 22.08 1.87
N PHE A 405 -10.10 22.17 3.06
CA PHE A 405 -10.91 21.93 4.24
C PHE A 405 -11.97 23.02 4.48
N GLU A 406 -11.64 24.27 4.19
CA GLU A 406 -12.60 25.35 4.44
C GLU A 406 -13.81 25.16 3.54
N ARG A 407 -13.60 24.81 2.28
CA ARG A 407 -14.71 24.52 1.41
C ARG A 407 -15.43 23.21 1.68
N HIS A 408 -14.74 22.12 2.02
CA HIS A 408 -15.36 20.82 1.99
C HIS A 408 -15.53 20.09 3.28
N ASP A 409 -15.10 20.66 4.41
CA ASP A 409 -15.23 20.05 5.71
C ASP A 409 -16.68 19.71 5.94
N GLY A 410 -16.97 18.48 6.28
CA GLY A 410 -18.35 18.03 6.55
C GLY A 410 -19.06 17.55 5.30
N SER A 411 -18.37 17.39 4.18
CA SER A 411 -19.04 16.88 2.98
C SER A 411 -18.24 15.79 2.26
N ALA A 412 -18.81 15.25 1.18
CA ALA A 412 -18.20 14.29 0.33
C ALA A 412 -17.71 15.06 -0.90
N ALA A 413 -16.43 14.97 -1.28
CA ALA A 413 -15.90 15.72 -2.37
C ALA A 413 -15.33 14.88 -3.48
N THR A 414 -14.76 15.54 -4.49
CA THR A 414 -14.20 14.85 -5.65
C THR A 414 -12.74 15.17 -5.77
N CYS A 415 -12.03 14.34 -6.52
CA CYS A 415 -10.65 14.67 -6.90
C CYS A 415 -10.54 16.03 -7.52
N ASP A 416 -11.45 16.31 -8.45
CA ASP A 416 -11.46 17.66 -9.08
C ASP A 416 -11.61 18.83 -8.08
N ASP A 417 -12.41 18.64 -7.02
CA ASP A 417 -12.53 19.70 -5.95
C ASP A 417 -11.19 19.97 -5.33
N PHE A 418 -10.45 18.91 -5.07
CA PHE A 418 -9.15 19.05 -4.44
C PHE A 418 -8.14 19.80 -5.29
N VAL A 419 -8.06 19.40 -6.54
CA VAL A 419 -7.21 20.11 -7.50
C VAL A 419 -7.60 21.57 -7.62
N GLN A 420 -8.90 21.85 -7.66
CA GLN A 420 -9.35 23.26 -7.73
CA GLN A 420 -9.34 23.22 -7.74
C GLN A 420 -8.96 24.02 -6.51
N ALA A 421 -9.03 23.40 -5.31
CA ALA A 421 -8.57 24.12 -4.12
C ALA A 421 -7.09 24.47 -4.19
N MET A 422 -6.27 23.52 -4.65
CA MET A 422 -4.87 23.74 -4.76
C MET A 422 -4.54 24.87 -5.80
N GLU A 423 -5.20 24.83 -6.93
CA GLU A 423 -5.06 25.83 -7.96
C GLU A 423 -5.51 27.22 -7.52
N ASP A 424 -6.68 27.29 -6.88
CA ASP A 424 -7.21 28.58 -6.39
C ASP A 424 -6.39 29.18 -5.29
N ALA A 425 -5.88 28.36 -4.37
CA ALA A 425 -5.13 28.93 -3.27
C ALA A 425 -3.73 29.37 -3.68
N SER A 426 -3.15 28.68 -4.64
CA SER A 426 -1.76 28.98 -5.05
C SER A 426 -1.61 29.93 -6.23
N ASN A 427 -2.64 30.06 -7.06
CA ASN A 427 -2.60 30.66 -8.37
C ASN A 427 -1.69 29.93 -9.34
N VAL A 428 -1.42 28.65 -9.12
CA VAL A 428 -0.71 27.84 -10.13
C VAL A 428 -1.80 27.20 -10.98
N ASP A 429 -1.65 27.28 -12.31
CA ASP A 429 -2.62 26.68 -13.23
C ASP A 429 -2.43 25.15 -13.32
N LEU A 430 -3.44 24.40 -12.89
CA LEU A 430 -3.45 22.93 -12.86
C LEU A 430 -4.43 22.36 -13.85
N SER A 431 -4.81 23.13 -14.88
CA SER A 431 -5.77 22.61 -15.79
C SER A 431 -5.17 21.43 -16.62
N HIS A 432 -3.97 21.56 -17.13
CA HIS A 432 -3.37 20.48 -17.87
C HIS A 432 -3.03 19.33 -16.89
N PHE A 433 -2.56 19.70 -15.73
CA PHE A 433 -2.14 18.74 -14.70
C PHE A 433 -3.25 17.73 -14.39
N ARG A 434 -4.50 18.18 -14.46
CA ARG A 434 -5.63 17.29 -14.22
C ARG A 434 -5.65 16.04 -15.06
N ARG A 435 -5.02 16.07 -16.23
CA ARG A 435 -4.95 14.86 -17.03
C ARG A 435 -4.31 13.68 -16.35
N TRP A 436 -3.52 13.94 -15.33
CA TRP A 436 -2.94 12.81 -14.54
C TRP A 436 -3.99 11.98 -13.82
N TYR A 437 -5.15 12.59 -13.55
CA TYR A 437 -6.30 11.86 -12.98
C TYR A 437 -7.04 10.96 -13.94
N SER A 438 -7.00 11.30 -15.24
CA SER A 438 -7.87 10.65 -16.23
CA SER A 438 -7.85 10.72 -16.27
C SER A 438 -7.14 9.72 -17.16
N GLN A 439 -5.79 9.76 -17.17
CA GLN A 439 -5.00 8.89 -18.06
C GLN A 439 -4.22 7.86 -17.37
N SER A 440 -4.38 6.61 -17.85
CA SER A 440 -3.62 5.49 -17.33
C SER A 440 -2.24 5.32 -18.04
N GLY A 441 -1.45 4.39 -17.56
CA GLY A 441 -0.17 4.04 -18.19
C GLY A 441 0.98 4.92 -17.65
N THR A 442 2.21 4.51 -17.87
CA THR A 442 3.36 5.20 -17.38
C THR A 442 3.98 6.00 -18.58
N PRO A 443 4.15 7.29 -18.45
CA PRO A 443 4.81 8.04 -19.49
C PRO A 443 6.28 7.69 -19.52
N ILE A 444 6.79 7.73 -20.73
CA ILE A 444 8.22 7.56 -21.02
C ILE A 444 8.78 8.91 -21.44
N VAL A 445 9.75 9.38 -20.68
CA VAL A 445 10.33 10.64 -20.96
C VAL A 445 11.75 10.40 -21.52
N THR A 446 12.01 10.87 -22.75
CA THR A 446 13.30 10.65 -23.44
C THR A 446 14.01 11.96 -23.41
N VAL A 447 15.27 11.94 -23.01
CA VAL A 447 16.06 13.14 -22.94
C VAL A 447 17.34 13.04 -23.79
N LYS A 448 17.61 14.05 -24.60
CA LYS A 448 18.93 14.16 -25.30
C LYS A 448 19.51 15.48 -24.94
N ASP A 449 20.83 15.56 -24.92
CA ASP A 449 21.47 16.81 -24.49
C ASP A 449 22.54 17.27 -25.47
N ASP A 450 22.87 18.53 -25.40
CA ASP A 450 23.94 19.02 -26.25
C ASP A 450 24.64 20.14 -25.48
N TYR A 451 25.96 20.11 -25.43
CA TYR A 451 26.76 21.17 -24.90
C TYR A 451 27.49 21.94 -26.01
N ASN A 452 27.32 23.25 -26.02
CA ASN A 452 27.95 24.10 -27.04
C ASN A 452 29.01 24.95 -26.39
N PRO A 453 30.28 24.55 -26.61
CA PRO A 453 31.35 25.28 -25.99
C PRO A 453 31.53 26.71 -26.58
N GLU A 454 31.18 26.95 -27.82
CA GLU A 454 31.27 28.35 -28.31
C GLU A 454 30.30 29.29 -27.56
N THR A 455 29.07 28.86 -27.24
CA THR A 455 28.15 29.76 -26.56
C THR A 455 27.96 29.54 -25.10
N GLU A 456 28.62 28.51 -24.56
CA GLU A 456 28.43 28.13 -23.19
C GLU A 456 26.94 27.89 -22.86
N GLN A 457 26.31 27.19 -23.77
CA GLN A 457 24.90 26.79 -23.61
C GLN A 457 24.75 25.32 -23.58
N TYR A 458 23.86 24.85 -22.69
CA TYR A 458 23.47 23.43 -22.59
C TYR A 458 22.01 23.31 -22.93
N THR A 459 21.71 22.44 -23.89
CA THR A 459 20.41 22.24 -24.39
C THR A 459 19.89 20.84 -24.06
N LEU A 460 18.68 20.76 -23.43
CA LEU A 460 17.98 19.50 -23.22
C LEU A 460 16.80 19.41 -24.11
N THR A 461 16.73 18.36 -24.91
CA THR A 461 15.57 18.09 -25.77
C THR A 461 14.84 16.95 -25.13
N ILE A 462 13.64 17.26 -24.64
CA ILE A 462 12.86 16.30 -23.80
C ILE A 462 11.59 15.92 -24.54
N SER A 463 11.35 14.64 -24.68
CA SER A 463 10.14 14.22 -25.31
C SER A 463 9.37 13.29 -24.40
N GLN A 464 8.06 13.22 -24.56
CA GLN A 464 7.23 12.30 -23.77
C GLN A 464 6.25 11.56 -24.63
N ARG A 465 5.98 10.37 -24.21
CA ARG A 465 4.84 9.59 -24.71
C ARG A 465 4.35 8.55 -23.70
N THR A 466 3.06 8.25 -23.75
CA THR A 466 2.54 7.16 -22.94
C THR A 466 2.02 6.13 -23.92
N PRO A 467 2.55 4.92 -23.89
CA PRO A 467 1.99 3.90 -24.76
C PRO A 467 0.50 3.67 -24.45
N ALA A 468 -0.27 3.26 -25.45
CA ALA A 468 -1.68 2.84 -25.23
C ALA A 468 -1.70 1.71 -24.18
N THR A 469 -2.79 1.66 -23.41
CA THR A 469 -3.06 0.62 -22.49
C THR A 469 -4.37 -0.06 -22.92
N PRO A 470 -4.69 -1.18 -22.36
CA PRO A 470 -5.88 -1.93 -22.76
C PRO A 470 -7.16 -1.17 -22.52
N ASP A 471 -7.16 -0.28 -21.52
CA ASP A 471 -8.31 0.49 -21.20
C ASP A 471 -8.45 1.77 -22.00
N GLN A 472 -7.39 2.26 -22.62
CA GLN A 472 -7.37 3.56 -23.30
C GLN A 472 -6.52 3.57 -24.56
N ALA A 473 -7.16 3.71 -25.71
CA ALA A 473 -6.48 3.79 -26.98
C ALA A 473 -5.95 5.18 -27.22
N GLU A 474 -6.49 6.18 -26.55
CA GLU A 474 -6.06 7.49 -26.76
C GLU A 474 -5.23 7.99 -25.61
N LYS A 475 -4.07 8.58 -25.90
CA LYS A 475 -3.19 9.13 -24.85
C LYS A 475 -2.71 10.48 -25.32
N GLN A 476 -2.43 11.37 -24.39
CA GLN A 476 -2.06 12.71 -24.66
C GLN A 476 -0.93 13.09 -23.69
N PRO A 477 -0.16 14.15 -24.02
CA PRO A 477 0.89 14.61 -23.19
C PRO A 477 0.41 15.12 -21.84
N LEU A 478 1.22 14.90 -20.81
CA LEU A 478 0.93 15.33 -19.47
C LEU A 478 1.74 16.51 -19.10
N HIS A 479 1.35 17.16 -18.02
CA HIS A 479 2.17 18.21 -17.37
C HIS A 479 3.13 17.54 -16.39
N ILE A 480 4.38 17.41 -16.80
CA ILE A 480 5.37 16.60 -16.10
C ILE A 480 6.37 17.55 -15.48
N PRO A 481 6.41 17.61 -14.13
CA PRO A 481 7.44 18.38 -13.50
C PRO A 481 8.71 17.58 -13.50
N PHE A 482 9.75 18.12 -14.16
CA PHE A 482 10.99 17.39 -14.43
C PHE A 482 12.16 18.11 -13.84
N ALA A 483 12.53 17.70 -12.65
CA ALA A 483 13.56 18.38 -11.88
C ALA A 483 14.94 17.99 -12.35
N ILE A 484 15.83 18.97 -12.48
CA ILE A 484 17.20 18.71 -12.94
C ILE A 484 18.20 19.39 -12.03
N GLU A 485 19.43 18.92 -12.10
CA GLU A 485 20.59 19.61 -11.50
CA GLU A 485 20.57 19.63 -11.52
C GLU A 485 21.78 19.41 -12.42
N LEU A 486 22.62 20.43 -12.59
CA LEU A 486 23.76 20.32 -13.50
C LEU A 486 25.06 20.40 -12.72
N TYR A 487 26.01 19.46 -12.93
CA TYR A 487 27.18 19.37 -12.11
C TYR A 487 28.41 19.67 -12.96
N ASP A 488 29.31 20.48 -12.44
CA ASP A 488 30.58 20.71 -13.14
C ASP A 488 31.61 19.58 -12.85
N ASN A 489 32.85 19.72 -13.31
CA ASN A 489 33.84 18.64 -13.17
C ASN A 489 34.32 18.43 -11.79
N GLU A 490 34.10 19.37 -10.90
CA GLU A 490 34.46 19.22 -9.52
C GLU A 490 33.31 18.80 -8.72
N GLY A 491 32.17 18.53 -9.35
CA GLY A 491 30.99 18.13 -8.55
C GLY A 491 30.19 19.24 -7.91
N LYS A 492 30.31 20.47 -8.38
CA LYS A 492 29.50 21.57 -7.85
C LYS A 492 28.38 21.85 -8.78
N VAL A 493 27.30 22.32 -8.20
CA VAL A 493 26.11 22.63 -8.92
C VAL A 493 26.28 23.91 -9.78
N ILE A 494 25.95 23.84 -11.06
CA ILE A 494 25.99 25.00 -11.98
C ILE A 494 24.66 25.74 -11.87
N PRO A 495 24.67 27.06 -11.56
CA PRO A 495 23.40 27.83 -11.56
C PRO A 495 22.70 27.77 -12.89
N LEU A 496 21.39 27.49 -12.83
CA LEU A 496 20.56 27.46 -14.01
C LEU A 496 20.06 28.82 -14.35
N GLN A 497 20.26 29.25 -15.59
CA GLN A 497 19.84 30.58 -15.98
C GLN A 497 19.77 30.64 -17.41
N LYS A 498 19.06 31.65 -17.92
CA LYS A 498 18.91 31.85 -19.28
C LYS A 498 18.67 33.38 -19.55
N GLY A 499 19.41 34.03 -20.45
CA GLY A 499 19.17 35.45 -20.77
C GLY A 499 19.35 36.37 -19.57
N GLY A 500 20.24 36.01 -18.69
CA GLY A 500 20.46 36.75 -17.47
C GLY A 500 19.50 36.58 -16.29
N HIS A 501 18.58 35.62 -16.34
CA HIS A 501 17.62 35.40 -15.28
C HIS A 501 17.73 33.95 -14.82
N PRO A 502 17.63 33.68 -13.53
CA PRO A 502 17.60 32.32 -13.02
C PRO A 502 16.40 31.59 -13.58
N VAL A 503 16.54 30.28 -13.71
CA VAL A 503 15.54 29.40 -14.27
C VAL A 503 15.25 28.38 -13.17
N ASN A 504 13.97 28.15 -12.93
CA ASN A 504 13.57 27.17 -11.92
C ASN A 504 14.10 25.77 -12.37
N SER A 505 14.58 24.99 -11.44
CA SER A 505 15.15 23.71 -11.79
C SER A 505 14.10 22.61 -12.01
N VAL A 506 12.85 22.92 -11.67
CA VAL A 506 11.70 22.09 -12.03
C VAL A 506 11.23 22.49 -13.38
N LEU A 507 11.64 21.76 -14.41
CA LEU A 507 11.15 22.11 -15.72
C LEU A 507 9.71 21.67 -15.99
N ASN A 508 8.93 22.50 -16.70
CA ASN A 508 7.60 22.13 -17.07
C ASN A 508 7.54 21.40 -18.40
N VAL A 509 7.54 20.07 -18.40
CA VAL A 509 7.52 19.35 -19.60
C VAL A 509 6.06 19.09 -19.93
N THR A 510 5.49 19.88 -20.84
CA THR A 510 4.06 19.84 -21.17
C THR A 510 3.66 19.41 -22.61
N GLN A 511 4.67 19.26 -23.49
CA GLN A 511 4.49 19.00 -24.89
CA GLN A 511 4.51 18.99 -24.90
C GLN A 511 5.00 17.62 -25.21
N ALA A 512 4.66 17.10 -26.40
CA ALA A 512 5.25 15.82 -26.89
C ALA A 512 6.77 15.97 -27.01
N GLU A 513 7.20 17.17 -27.40
CA GLU A 513 8.63 17.49 -27.53
C GLU A 513 8.92 18.93 -27.29
N GLN A 514 9.97 19.23 -26.58
CA GLN A 514 10.37 20.60 -26.28
CA GLN A 514 10.39 20.63 -26.38
C GLN A 514 11.86 20.66 -25.97
N THR A 515 12.42 21.82 -26.12
CA THR A 515 13.82 22.05 -25.85
CA THR A 515 13.81 22.04 -25.79
C THR A 515 13.97 23.05 -24.70
N PHE A 516 14.93 22.85 -23.85
CA PHE A 516 15.20 23.80 -22.78
C PHE A 516 16.67 24.20 -22.93
N VAL A 517 16.95 25.49 -22.92
CA VAL A 517 18.34 26.06 -23.11
C VAL A 517 18.80 26.81 -21.88
N PHE A 518 20.00 26.52 -21.41
CA PHE A 518 20.59 27.08 -20.24
C PHE A 518 21.87 27.76 -20.67
N ASP A 519 22.16 28.94 -20.10
CA ASP A 519 23.22 29.86 -20.55
CA ASP A 519 23.35 29.63 -20.58
C ASP A 519 24.25 29.87 -19.46
N ASN A 520 25.43 30.45 -19.74
CA ASN A 520 26.43 30.53 -18.68
C ASN A 520 26.76 29.15 -18.09
N VAL A 521 26.78 28.13 -18.97
CA VAL A 521 27.17 26.79 -18.54
C VAL A 521 28.66 26.69 -18.91
N TYR A 522 29.49 26.91 -17.92
CA TYR A 522 30.94 27.22 -18.12
C TYR A 522 31.77 25.95 -18.33
N PHE A 523 31.21 24.80 -17.99
CA PHE A 523 31.80 23.52 -18.17
C PHE A 523 30.77 22.49 -18.65
N GLN A 524 31.16 21.54 -19.49
CA GLN A 524 30.22 20.53 -19.93
C GLN A 524 29.63 19.78 -18.72
N PRO A 525 28.32 19.79 -18.54
CA PRO A 525 27.82 19.26 -17.29
C PRO A 525 27.57 17.76 -17.26
N VAL A 526 27.53 17.20 -16.09
CA VAL A 526 26.92 15.91 -15.88
C VAL A 526 25.54 16.24 -15.27
N PRO A 527 24.47 15.87 -15.95
CA PRO A 527 23.14 16.14 -15.39
C PRO A 527 22.69 15.13 -14.39
N ALA A 528 21.92 15.57 -13.40
CA ALA A 528 21.09 14.69 -12.62
C ALA A 528 19.65 14.99 -13.09
N LEU A 529 18.97 13.96 -13.57
CA LEU A 529 17.70 14.09 -14.23
C LEU A 529 16.56 13.40 -13.41
N LEU A 530 15.37 13.98 -13.47
CA LEU A 530 14.20 13.50 -12.69
C LEU A 530 14.54 13.38 -11.23
N CYS A 531 15.15 14.44 -10.69
CA CYS A 531 15.59 14.45 -9.31
C CYS A 531 14.44 14.18 -8.32
N GLU A 532 14.76 13.37 -7.32
CA GLU A 532 13.83 12.90 -6.30
C GLU A 532 12.60 12.25 -6.91
N PHE A 533 12.78 11.68 -8.10
CA PHE A 533 11.70 11.01 -8.89
C PHE A 533 10.53 11.98 -8.97
N SER A 534 10.77 13.08 -9.69
CA SER A 534 9.92 14.26 -9.62
C SER A 534 8.60 14.06 -10.34
N ALA A 535 8.50 13.03 -11.17
CA ALA A 535 7.24 12.62 -11.83
C ALA A 535 7.30 11.12 -12.01
N PRO A 536 6.13 10.45 -12.02
CA PRO A 536 6.11 8.99 -12.07
C PRO A 536 6.24 8.47 -13.51
N VAL A 537 7.48 8.49 -13.99
CA VAL A 537 7.77 8.28 -15.41
C VAL A 537 8.99 7.38 -15.56
N LYS A 538 9.07 6.73 -16.71
CA LYS A 538 10.29 6.02 -17.10
C LYS A 538 11.20 6.99 -17.79
N LEU A 539 12.45 7.03 -17.42
CA LEU A 539 13.39 7.97 -18.00
C LEU A 539 14.27 7.29 -18.99
N GLU A 540 14.41 7.82 -20.18
CA GLU A 540 15.31 7.27 -21.23
CA GLU A 540 15.34 7.24 -21.16
C GLU A 540 16.40 8.29 -21.50
N TYR A 541 17.60 8.05 -21.02
CA TYR A 541 18.75 8.92 -21.31
C TYR A 541 19.92 8.00 -21.46
N LYS A 542 20.79 8.33 -22.41
CA LYS A 542 21.97 7.49 -22.70
C LYS A 542 23.17 7.84 -21.77
N TRP A 543 23.10 7.39 -20.54
CA TRP A 543 24.10 7.63 -19.57
C TRP A 543 25.41 6.89 -19.99
N SER A 544 26.59 7.46 -19.73
CA SER A 544 27.85 6.67 -19.66
C SER A 544 28.00 6.10 -18.24
N ASP A 545 28.73 4.99 -18.07
CA ASP A 545 28.98 4.48 -16.76
C ASP A 545 29.62 5.53 -15.89
N GLN A 546 30.51 6.33 -16.49
CA GLN A 546 31.28 7.31 -15.69
C GLN A 546 30.38 8.47 -15.18
N GLN A 547 29.45 8.93 -15.98
CA GLN A 547 28.47 9.93 -15.51
C GLN A 547 27.77 9.38 -14.26
N LEU A 548 27.39 8.11 -14.27
CA LEU A 548 26.66 7.50 -13.17
C LEU A 548 27.53 7.36 -11.94
N THR A 549 28.82 6.96 -12.09
CA THR A 549 29.67 6.81 -10.92
C THR A 549 30.05 8.18 -10.39
N PHE A 550 30.07 9.15 -11.27
CA PHE A 550 30.31 10.49 -10.85
C PHE A 550 29.13 10.96 -9.96
N LEU A 551 27.91 10.72 -10.42
CA LEU A 551 26.73 11.09 -9.58
C LEU A 551 26.73 10.33 -8.25
N MET A 552 27.17 9.05 -8.27
CA MET A 552 27.18 8.27 -7.04
C MET A 552 28.07 8.94 -6.02
N ARG A 553 29.10 9.62 -6.49
CA ARG A 553 30.07 10.30 -5.65
C ARG A 553 29.63 11.74 -5.29
N HIS A 554 29.10 12.49 -6.25
CA HIS A 554 28.94 13.92 -6.13
C HIS A 554 27.52 14.44 -5.99
N ALA A 555 26.50 13.65 -6.33
CA ALA A 555 25.18 14.23 -6.33
C ALA A 555 24.83 14.77 -4.96
N ARG A 556 24.18 15.93 -4.91
CA ARG A 556 23.83 16.57 -3.61
C ARG A 556 22.73 15.83 -2.83
N ASN A 557 21.67 15.31 -3.48
CA ASN A 557 20.63 14.55 -2.77
C ASN A 557 21.02 13.11 -2.74
N ASP A 558 20.92 12.52 -1.57
CA ASP A 558 21.12 11.07 -1.40
C ASP A 558 20.31 10.22 -2.35
N PHE A 559 19.10 10.65 -2.64
CA PHE A 559 18.30 9.89 -3.60
C PHE A 559 19.01 9.73 -4.96
N SER A 560 19.57 10.83 -5.46
CA SER A 560 20.21 10.84 -6.76
C SER A 560 21.40 9.89 -6.79
N ARG A 561 22.08 9.76 -5.67
CA ARG A 561 23.25 8.86 -5.54
C ARG A 561 22.80 7.42 -5.70
N TRP A 562 21.71 7.09 -5.02
CA TRP A 562 21.14 5.73 -5.12
C TRP A 562 20.60 5.47 -6.52
N ASP A 563 19.89 6.45 -7.08
CA ASP A 563 19.22 6.30 -8.35
C ASP A 563 20.28 6.06 -9.45
N ALA A 564 21.39 6.81 -9.37
CA ALA A 564 22.50 6.65 -10.31
C ALA A 564 23.06 5.22 -10.25
N ALA A 565 23.19 4.69 -9.05
CA ALA A 565 23.54 3.30 -8.88
C ALA A 565 22.58 2.34 -9.49
N GLN A 566 21.28 2.67 -9.44
CA GLN A 566 20.29 1.81 -10.06
C GLN A 566 20.40 1.82 -11.60
N SER A 567 20.65 2.98 -12.18
CA SER A 567 20.80 3.10 -13.58
C SER A 567 22.08 2.35 -13.99
N LEU A 568 23.12 2.40 -13.18
CA LEU A 568 24.37 1.67 -13.53
C LEU A 568 24.10 0.16 -13.50
N LEU A 569 23.37 -0.36 -12.48
CA LEU A 569 23.10 -1.74 -12.40
C LEU A 569 22.15 -2.24 -13.51
N ALA A 570 21.17 -1.43 -13.87
CA ALA A 570 20.21 -1.79 -14.90
C ALA A 570 20.87 -2.29 -16.18
N THR A 571 21.83 -1.51 -16.67
CA THR A 571 22.63 -1.94 -17.86
C THR A 571 23.16 -3.37 -17.76
N TYR A 572 23.72 -3.69 -16.60
CA TYR A 572 24.39 -4.93 -16.41
C TYR A 572 23.47 -6.04 -16.02
N ILE A 573 22.32 -5.70 -15.41
CA ILE A 573 21.23 -6.68 -15.26
C ILE A 573 20.70 -7.13 -16.62
N LYS A 574 20.42 -6.20 -17.52
CA LYS A 574 19.96 -6.51 -18.83
C LYS A 574 20.98 -7.35 -19.61
N LEU A 575 22.23 -6.91 -19.54
CA LEU A 575 23.32 -7.64 -20.20
C LEU A 575 23.31 -9.08 -19.78
N ASN A 576 23.27 -9.26 -18.48
CA ASN A 576 23.40 -10.62 -17.94
C ASN A 576 22.23 -11.54 -18.05
N VAL A 577 21.01 -10.95 -18.14
CA VAL A 577 19.84 -11.75 -18.49
C VAL A 577 19.93 -12.26 -19.91
N ALA A 578 20.35 -11.45 -20.85
CA ALA A 578 20.57 -11.94 -22.19
C ALA A 578 21.64 -13.01 -22.24
N ARG A 579 22.68 -12.84 -21.43
CA ARG A 579 23.71 -13.85 -21.36
C ARG A 579 23.18 -15.17 -20.86
N HIS A 580 22.41 -15.11 -19.77
CA HIS A 580 21.84 -16.26 -19.17
C HIS A 580 21.01 -17.06 -20.18
N GLN A 581 20.22 -16.36 -20.97
CA GLN A 581 19.44 -17.02 -22.04
C GLN A 581 20.34 -17.73 -23.11
N GLN A 582 21.59 -17.30 -23.26
CA GLN A 582 22.53 -17.91 -24.18
C GLN A 582 23.41 -18.93 -23.44
N GLY A 583 23.14 -19.29 -22.19
CA GLY A 583 24.01 -20.21 -21.48
C GLY A 583 25.38 -19.63 -20.99
N GLN A 584 25.53 -18.31 -20.91
CA GLN A 584 26.79 -17.66 -20.56
C GLN A 584 26.80 -17.09 -19.14
N PRO A 585 27.95 -17.14 -18.46
CA PRO A 585 27.97 -16.72 -17.04
C PRO A 585 28.05 -15.22 -16.95
N LEU A 586 27.93 -14.71 -15.73
CA LEU A 586 27.91 -13.30 -15.46
C LEU A 586 29.18 -12.59 -15.96
N SER A 587 29.00 -11.45 -16.58
CA SER A 587 30.06 -10.55 -17.01
C SER A 587 29.81 -9.16 -16.37
N LEU A 588 30.81 -8.55 -15.73
CA LEU A 588 30.67 -7.22 -15.09
C LEU A 588 31.99 -6.51 -15.22
N PRO A 589 31.99 -5.31 -15.75
CA PRO A 589 33.27 -4.61 -15.79
C PRO A 589 33.83 -4.35 -14.41
N VAL A 590 35.14 -4.37 -14.30
CA VAL A 590 35.84 -4.11 -13.03
C VAL A 590 35.44 -2.74 -12.48
N HIS A 591 35.33 -1.76 -13.33
CA HIS A 591 35.01 -0.41 -12.81
C HIS A 591 33.59 -0.30 -12.19
N VAL A 592 32.70 -1.25 -12.51
CA VAL A 592 31.42 -1.33 -11.79
C VAL A 592 31.51 -1.88 -10.39
N ALA A 593 32.22 -2.99 -10.25
CA ALA A 593 32.48 -3.50 -8.91
C ALA A 593 33.20 -2.43 -8.03
N ASP A 594 34.15 -1.74 -8.60
CA ASP A 594 34.86 -0.70 -7.90
C ASP A 594 33.93 0.41 -7.35
N ALA A 595 32.85 0.73 -8.07
CA ALA A 595 31.92 1.79 -7.64
C ALA A 595 31.26 1.35 -6.34
N PHE A 596 30.96 0.08 -6.24
CA PHE A 596 30.35 -0.46 -4.99
C PHE A 596 31.38 -0.67 -3.89
N ARG A 597 32.61 -1.02 -4.24
CA ARG A 597 33.69 -1.00 -3.24
C ARG A 597 33.84 0.41 -2.61
N ALA A 598 33.82 1.44 -3.44
CA ALA A 598 33.91 2.80 -2.97
C ALA A 598 32.76 3.19 -2.00
N VAL A 599 31.55 2.71 -2.25
CA VAL A 599 30.44 2.96 -1.34
C VAL A 599 30.70 2.31 0.01
N LEU A 600 31.21 1.11 -0.01
CA LEU A 600 31.50 0.42 1.20
C LEU A 600 32.58 1.08 2.02
N LEU A 601 33.62 1.60 1.38
CA LEU A 601 34.70 2.22 2.13
C LEU A 601 34.56 3.71 2.37
N ASP A 602 33.51 4.37 1.90
CA ASP A 602 33.39 5.79 2.02
C ASP A 602 33.01 6.08 3.46
N GLU A 603 33.81 6.85 4.17
CA GLU A 603 33.53 7.14 5.55
C GLU A 603 32.50 8.24 5.77
N LYS A 604 32.25 9.06 4.78
CA LYS A 604 31.37 10.19 4.96
C LYS A 604 29.91 9.85 4.58
N ILE A 605 29.67 8.71 3.93
CA ILE A 605 28.34 8.44 3.39
C ILE A 605 27.42 8.02 4.54
N ASP A 606 26.19 8.52 4.55
CA ASP A 606 25.26 8.03 5.59
C ASP A 606 25.09 6.50 5.42
N PRO A 607 25.17 5.72 6.51
CA PRO A 607 24.99 4.27 6.40
C PRO A 607 23.61 3.90 5.88
N ALA A 608 22.59 4.75 6.11
CA ALA A 608 21.26 4.49 5.57
C ALA A 608 21.28 4.44 4.02
N LEU A 609 22.02 5.37 3.45
CA LEU A 609 22.18 5.47 2.01
C LEU A 609 23.04 4.30 1.52
N ALA A 610 24.16 4.09 2.14
CA ALA A 610 24.99 2.96 1.78
C ALA A 610 24.24 1.68 1.76
N ALA A 611 23.43 1.41 2.80
CA ALA A 611 22.69 0.18 2.83
C ALA A 611 21.77 -0.01 1.59
N GLU A 612 21.08 1.02 1.16
CA GLU A 612 20.20 0.99 0.01
C GLU A 612 20.96 0.74 -1.32
N ILE A 613 22.07 1.41 -1.52
CA ILE A 613 22.91 1.17 -2.67
C ILE A 613 23.37 -0.28 -2.71
N LEU A 614 23.63 -0.87 -1.54
CA LEU A 614 24.10 -2.26 -1.41
C LEU A 614 22.96 -3.27 -1.32
N THR A 615 21.71 -2.82 -1.54
CA THR A 615 20.59 -3.67 -1.62
C THR A 615 20.26 -3.76 -3.11
N LEU A 616 20.43 -4.92 -3.72
CA LEU A 616 20.14 -5.04 -5.16
C LEU A 616 18.65 -4.87 -5.48
N PRO A 617 18.32 -4.31 -6.66
CA PRO A 617 16.91 -4.37 -7.10
C PRO A 617 16.28 -5.73 -6.89
N SER A 618 15.03 -5.77 -6.47
CA SER A 618 14.35 -6.98 -6.27
C SER A 618 14.01 -7.65 -7.65
N VAL A 619 13.61 -8.92 -7.62
CA VAL A 619 13.23 -9.61 -8.91
C VAL A 619 12.09 -8.90 -9.61
N ASN A 620 11.20 -8.30 -8.82
CA ASN A 620 10.14 -7.43 -9.34
C ASN A 620 10.60 -6.13 -9.93
N GLU A 621 11.53 -5.41 -9.30
CA GLU A 621 12.11 -4.29 -9.96
C GLU A 621 12.90 -4.68 -11.25
N MET A 622 13.63 -5.80 -11.20
CA MET A 622 14.41 -6.24 -12.34
CA MET A 622 14.40 -6.25 -12.34
C MET A 622 13.46 -6.56 -13.50
N ALA A 623 12.28 -7.16 -13.19
CA ALA A 623 11.33 -7.55 -14.28
C ALA A 623 10.89 -6.34 -15.11
N GLU A 624 10.76 -5.20 -14.47
CA GLU A 624 10.35 -4.01 -15.17
C GLU A 624 11.35 -3.44 -16.16
N LEU A 625 12.60 -3.91 -16.15
CA LEU A 625 13.56 -3.51 -17.15
C LEU A 625 13.31 -4.16 -18.53
N PHE A 626 12.41 -5.14 -18.60
CA PHE A 626 12.27 -6.02 -19.75
C PHE A 626 10.87 -5.92 -20.31
N ASP A 627 10.72 -5.97 -21.63
CA ASP A 627 9.42 -6.19 -22.32
C ASP A 627 8.83 -7.58 -22.05
N ILE A 628 9.60 -8.61 -22.32
CA ILE A 628 9.19 -9.94 -22.01
C ILE A 628 10.02 -10.41 -20.80
N ILE A 629 9.34 -10.76 -19.73
CA ILE A 629 10.00 -11.21 -18.50
C ILE A 629 10.46 -12.65 -18.61
N ASP A 630 11.76 -12.91 -18.34
CA ASP A 630 12.24 -14.25 -18.10
C ASP A 630 12.56 -14.41 -16.64
N PRO A 631 11.62 -14.99 -15.86
CA PRO A 631 11.76 -14.93 -14.42
C PRO A 631 12.87 -15.85 -13.88
N ILE A 632 13.15 -16.92 -14.59
CA ILE A 632 14.25 -17.78 -14.20
C ILE A 632 15.62 -17.12 -14.43
N ALA A 633 15.85 -16.51 -15.58
CA ALA A 633 17.05 -15.76 -15.85
C ALA A 633 17.20 -14.63 -14.83
N ILE A 634 16.12 -13.91 -14.54
CA ILE A 634 16.23 -12.77 -13.57
C ILE A 634 16.67 -13.31 -12.18
N ALA A 635 16.05 -14.35 -11.71
CA ALA A 635 16.38 -14.89 -10.39
C ALA A 635 17.84 -15.37 -10.36
N GLU A 636 18.26 -16.09 -11.39
CA GLU A 636 19.61 -16.62 -11.44
C GLU A 636 20.68 -15.56 -11.59
N VAL A 637 20.40 -14.52 -12.40
CA VAL A 637 21.27 -13.38 -12.52
C VAL A 637 21.38 -12.63 -11.21
N ARG A 638 20.27 -12.44 -10.48
CA ARG A 638 20.35 -11.72 -9.21
C ARG A 638 21.25 -12.45 -8.27
N GLU A 639 21.10 -13.76 -8.23
CA GLU A 639 22.00 -14.55 -7.39
C GLU A 639 23.46 -14.47 -7.84
N ALA A 640 23.71 -14.59 -9.15
CA ALA A 640 25.09 -14.57 -9.66
C ALA A 640 25.70 -13.23 -9.39
N LEU A 641 24.94 -12.17 -9.59
CA LEU A 641 25.45 -10.85 -9.28
C LEU A 641 25.82 -10.68 -7.76
N THR A 642 24.97 -11.23 -6.90
CA THR A 642 25.24 -11.20 -5.48
C THR A 642 26.56 -11.99 -5.23
N ARG A 643 26.70 -13.17 -5.85
CA ARG A 643 27.89 -14.00 -5.61
C ARG A 643 29.15 -13.33 -6.13
N THR A 644 29.06 -12.68 -7.26
CA THR A 644 30.22 -11.98 -7.85
C THR A 644 30.67 -10.83 -7.00
N LEU A 645 29.73 -10.00 -6.54
CA LEU A 645 30.07 -8.96 -5.61
C LEU A 645 30.57 -9.49 -4.26
N ALA A 646 30.00 -10.58 -3.74
CA ALA A 646 30.45 -11.18 -2.47
C ALA A 646 31.97 -11.57 -2.60
N THR A 647 32.34 -12.15 -3.73
CA THR A 647 33.72 -12.58 -3.96
C THR A 647 34.60 -11.39 -4.16
N GLU A 648 34.25 -10.46 -5.04
CA GLU A 648 35.07 -9.33 -5.33
CA GLU A 648 35.12 -9.36 -5.30
C GLU A 648 35.25 -8.38 -4.13
N LEU A 649 34.23 -8.27 -3.27
CA LEU A 649 34.26 -7.31 -2.14
C LEU A 649 34.33 -8.03 -0.79
N ALA A 650 34.79 -9.26 -0.73
CA ALA A 650 34.69 -10.04 0.50
C ALA A 650 35.29 -9.40 1.75
N ASP A 651 36.45 -8.78 1.60
CA ASP A 651 37.22 -8.31 2.76
C ASP A 651 36.51 -7.04 3.23
N GLU A 652 36.16 -6.19 2.28
CA GLU A 652 35.49 -4.93 2.62
C GLU A 652 34.12 -5.19 3.27
N LEU A 653 33.38 -6.17 2.75
CA LEU A 653 32.10 -6.57 3.28
C LEU A 653 32.21 -7.00 4.77
N LEU A 654 33.21 -7.80 5.07
CA LEU A 654 33.31 -8.33 6.42
C LEU A 654 33.74 -7.19 7.36
N ALA A 655 34.61 -6.33 6.86
CA ALA A 655 35.04 -5.20 7.66
C ALA A 655 33.85 -4.27 8.01
N ILE A 656 32.98 -3.95 7.06
CA ILE A 656 31.88 -3.08 7.32
C ILE A 656 30.83 -3.79 8.19
N TYR A 657 30.63 -5.08 7.96
CA TYR A 657 29.77 -5.89 8.78
C TYR A 657 30.20 -5.79 10.25
N ASN A 658 31.51 -5.93 10.49
CA ASN A 658 32.00 -5.90 11.86
C ASN A 658 31.98 -4.50 12.44
N ALA A 659 32.25 -3.48 11.66
CA ALA A 659 32.30 -2.12 12.14
C ALA A 659 30.91 -1.64 12.58
N ASN A 660 29.83 -2.25 12.10
CA ASN A 660 28.49 -1.78 12.39
C ASN A 660 27.80 -2.62 13.39
N TYR A 661 28.54 -3.54 14.03
CA TYR A 661 28.02 -4.25 15.18
C TYR A 661 27.47 -3.31 16.26
N GLN A 662 26.35 -3.64 16.84
CA GLN A 662 25.74 -2.79 17.92
C GLN A 662 25.30 -3.73 19.02
N SER A 663 25.83 -3.54 20.21
CA SER A 663 25.41 -4.44 21.31
C SER A 663 24.02 -4.09 21.83
N GLU A 664 23.68 -2.82 21.95
CA GLU A 664 22.34 -2.41 22.35
C GLU A 664 21.41 -2.44 21.10
N TYR A 665 20.19 -2.95 21.28
CA TYR A 665 19.11 -2.81 20.34
C TYR A 665 18.21 -1.59 20.66
N ARG A 666 18.13 -0.69 19.69
CA ARG A 666 17.27 0.45 19.74
C ARG A 666 16.48 0.61 18.45
N VAL A 667 15.20 0.95 18.60
CA VAL A 667 14.35 1.37 17.51
C VAL A 667 14.52 2.88 17.35
N GLU A 668 15.66 3.25 16.80
CA GLU A 668 16.08 4.64 16.60
C GLU A 668 16.74 4.69 15.24
N HIS A 669 16.49 5.75 14.51
CA HIS A 669 16.87 5.83 13.10
C HIS A 669 18.35 5.66 12.80
N GLU A 670 19.28 6.23 13.58
CA GLU A 670 20.73 5.98 13.32
C GLU A 670 21.07 4.55 13.53
N ASP A 671 20.52 3.93 14.58
CA ASP A 671 20.76 2.53 14.84
C ASP A 671 20.18 1.60 13.74
N ILE A 672 18.97 1.89 13.35
CA ILE A 672 18.36 1.19 12.25
C ILE A 672 19.20 1.24 11.01
N ALA A 673 19.69 2.40 10.67
CA ALA A 673 20.50 2.56 9.52
C ALA A 673 21.79 1.70 9.57
N LYS A 674 22.54 1.80 10.66
CA LYS A 674 23.68 0.87 10.81
C LYS A 674 23.37 -0.61 10.68
N ARG A 675 22.25 -1.02 11.25
CA ARG A 675 21.88 -2.38 11.24
C ARG A 675 21.42 -2.77 9.84
N THR A 676 20.74 -1.89 9.12
CA THR A 676 20.43 -2.19 7.70
C THR A 676 21.69 -2.38 6.90
N LEU A 677 22.70 -1.55 7.15
CA LEU A 677 23.98 -1.69 6.42
C LEU A 677 24.66 -3.01 6.77
N ARG A 678 24.71 -3.34 8.06
CA ARG A 678 25.37 -4.51 8.48
C ARG A 678 24.71 -5.70 7.86
N ASN A 679 23.37 -5.76 7.88
CA ASN A 679 22.63 -6.89 7.28
C ASN A 679 22.65 -6.94 5.73
N ALA A 680 22.81 -5.79 5.09
CA ALA A 680 23.05 -5.73 3.67
C ALA A 680 24.40 -6.36 3.35
N CYS A 681 25.40 -6.07 4.16
CA CYS A 681 26.73 -6.79 4.06
C CYS A 681 26.59 -8.32 4.32
N LEU A 682 25.84 -8.71 5.34
CA LEU A 682 25.64 -10.09 5.61
C LEU A 682 25.04 -10.86 4.41
N ARG A 683 24.09 -10.23 3.69
CA ARG A 683 23.51 -10.89 2.56
C ARG A 683 24.56 -11.34 1.53
N PHE A 684 25.51 -10.47 1.24
CA PHE A 684 26.58 -10.82 0.35
C PHE A 684 27.51 -11.89 0.96
N LEU A 685 27.88 -11.69 2.22
CA LEU A 685 28.77 -12.57 2.91
C LEU A 685 28.19 -13.96 2.93
N ALA A 686 26.86 -14.10 2.95
CA ALA A 686 26.25 -15.43 2.98
C ALA A 686 26.51 -16.23 1.70
N PHE A 687 26.80 -15.48 0.65
CA PHE A 687 27.10 -16.01 -0.69
C PHE A 687 28.59 -16.10 -0.94
N GLY A 688 29.43 -16.03 0.08
CA GLY A 688 30.83 -16.23 -0.12
C GLY A 688 31.19 -17.67 0.13
N GLU A 689 32.43 -17.85 0.52
CA GLU A 689 32.94 -19.15 0.73
C GLU A 689 32.10 -19.78 1.82
N THR A 690 31.72 -21.00 1.54
CA THR A 690 30.64 -21.69 2.24
C THR A 690 30.85 -21.85 3.71
N HIS A 691 32.04 -22.24 4.10
CA HIS A 691 32.21 -22.52 5.51
C HIS A 691 32.25 -21.25 6.37
N LEU A 692 32.93 -20.23 5.88
CA LEU A 692 32.86 -18.90 6.45
C LEU A 692 31.41 -18.39 6.56
N ALA A 693 30.66 -18.45 5.46
CA ALA A 693 29.30 -17.99 5.40
C ALA A 693 28.44 -18.71 6.41
N ASP A 694 28.54 -20.04 6.48
CA ASP A 694 27.71 -20.82 7.36
C ASP A 694 27.93 -20.42 8.83
N VAL A 695 29.16 -20.23 9.19
CA VAL A 695 29.56 -19.85 10.55
C VAL A 695 29.06 -18.47 10.87
N LEU A 696 29.32 -17.53 10.01
CA LEU A 696 28.86 -16.15 10.18
C LEU A 696 27.32 -16.05 10.37
N VAL A 697 26.59 -16.79 9.54
CA VAL A 697 25.15 -16.74 9.55
C VAL A 697 24.56 -17.42 10.75
N SER A 698 24.99 -18.65 11.06
CA SER A 698 24.51 -19.38 12.23
CA SER A 698 24.43 -19.34 12.21
C SER A 698 24.77 -18.60 13.50
N LYS A 699 25.94 -18.04 13.57
CA LYS A 699 26.31 -17.25 14.75
C LYS A 699 25.39 -16.04 14.94
N GLN A 700 25.12 -15.31 13.86
CA GLN A 700 24.22 -14.15 13.97
C GLN A 700 22.84 -14.60 14.41
N PHE A 701 22.34 -15.70 13.87
CA PHE A 701 21.03 -16.21 14.28
C PHE A 701 20.96 -16.55 15.77
N HIS A 702 21.97 -17.22 16.26
CA HIS A 702 22.00 -17.63 17.66
C HIS A 702 22.41 -16.51 18.60
N GLU A 703 23.18 -15.51 18.17
CA GLU A 703 23.56 -14.45 19.09
C GLU A 703 22.67 -13.22 19.01
N ALA A 704 21.81 -13.14 18.02
CA ALA A 704 20.92 -11.95 17.87
C ALA A 704 20.23 -11.62 19.14
N ASN A 705 20.15 -10.35 19.50
CA ASN A 705 19.26 -10.02 20.63
C ASN A 705 18.01 -9.30 20.18
N ASN A 706 17.58 -9.53 18.93
CA ASN A 706 16.42 -8.85 18.36
C ASN A 706 16.04 -9.61 17.06
N MET A 707 14.76 -9.52 16.69
CA MET A 707 14.27 -10.30 15.58
C MET A 707 14.85 -9.77 14.25
N THR A 708 15.21 -8.50 14.18
CA THR A 708 15.74 -7.96 12.89
C THR A 708 16.99 -8.73 12.48
N ASP A 709 17.88 -8.89 13.44
CA ASP A 709 19.14 -9.57 13.18
C ASP A 709 18.92 -11.07 13.04
N ALA A 710 18.03 -11.69 13.83
CA ALA A 710 17.81 -13.12 13.71
C ALA A 710 17.20 -13.42 12.34
N LEU A 711 16.19 -12.67 11.93
CA LEU A 711 15.56 -12.93 10.63
C LEU A 711 16.50 -12.67 9.47
N ALA A 712 17.29 -11.63 9.54
CA ALA A 712 18.28 -11.40 8.48
C ALA A 712 19.21 -12.63 8.30
N ALA A 713 19.64 -13.23 9.42
CA ALA A 713 20.48 -14.44 9.34
C ALA A 713 19.69 -15.63 8.76
N LEU A 714 18.49 -15.84 9.24
CA LEU A 714 17.70 -16.93 8.73
C LEU A 714 17.41 -16.77 7.23
N SER A 715 17.04 -15.57 6.81
CA SER A 715 16.74 -15.32 5.44
CA SER A 715 16.75 -15.30 5.42
C SER A 715 17.97 -15.60 4.53
N ALA A 716 19.16 -15.19 4.98
CA ALA A 716 20.44 -15.41 4.28
C ALA A 716 20.78 -16.93 4.16
N ALA A 717 20.43 -17.67 5.19
CA ALA A 717 20.65 -19.13 5.19
C ALA A 717 19.73 -19.78 4.14
N VAL A 718 18.48 -19.33 4.06
CA VAL A 718 17.58 -19.81 3.03
C VAL A 718 18.01 -19.42 1.62
N ALA A 719 18.37 -18.15 1.45
CA ALA A 719 18.71 -17.62 0.14
C ALA A 719 19.96 -18.24 -0.44
N ALA A 720 20.95 -18.51 0.40
CA ALA A 720 22.20 -19.07 -0.07
C ALA A 720 22.19 -20.58 0.11
N GLN A 721 21.10 -21.18 0.55
CA GLN A 721 21.04 -22.63 0.74
C GLN A 721 22.20 -23.16 1.60
N LEU A 722 22.49 -22.51 2.73
CA LEU A 722 23.63 -22.91 3.54
C LEU A 722 23.33 -24.18 4.37
N PRO A 723 24.42 -24.86 4.77
CA PRO A 723 24.25 -26.12 5.53
C PRO A 723 23.38 -25.96 6.78
N CYS A 724 23.50 -24.83 7.48
CA CYS A 724 22.75 -24.58 8.72
C CYS A 724 21.24 -24.35 8.50
N ARG A 725 20.80 -24.23 7.27
CA ARG A 725 19.45 -23.79 6.98
C ARG A 725 18.36 -24.60 7.64
N ASP A 726 18.38 -25.91 7.46
CA ASP A 726 17.30 -26.72 7.97
C ASP A 726 17.25 -26.67 9.50
N ALA A 727 18.40 -26.73 10.14
CA ALA A 727 18.44 -26.66 11.58
C ALA A 727 17.83 -25.32 12.03
N LEU A 728 18.23 -24.21 11.43
CA LEU A 728 17.76 -22.88 11.92
C LEU A 728 16.23 -22.73 11.70
N MET A 729 15.75 -23.20 10.56
CA MET A 729 14.36 -23.14 10.21
C MET A 729 13.57 -23.96 11.18
N GLN A 730 14.07 -25.17 11.55
CA GLN A 730 13.35 -25.99 12.53
C GLN A 730 13.31 -25.32 13.95
N GLU A 731 14.41 -24.75 14.35
CA GLU A 731 14.48 -24.02 15.57
C GLU A 731 13.46 -22.92 15.65
N TYR A 732 13.36 -22.13 14.59
CA TYR A 732 12.39 -21.05 14.59
C TYR A 732 11.00 -21.57 14.74
N ASP A 733 10.61 -22.57 13.92
CA ASP A 733 9.33 -23.21 14.07
C ASP A 733 9.09 -23.63 15.53
N ASP A 734 10.01 -24.41 16.08
CA ASP A 734 9.81 -24.94 17.45
C ASP A 734 9.62 -23.83 18.45
N LYS A 735 10.28 -22.71 18.26
CA LYS A 735 10.16 -21.64 19.18
C LYS A 735 8.89 -20.81 18.98
N TRP A 736 8.50 -20.58 17.70
CA TRP A 736 7.53 -19.52 17.41
C TRP A 736 6.20 -20.04 16.85
N HIS A 737 6.02 -21.35 16.74
CA HIS A 737 4.82 -21.92 16.03
C HIS A 737 3.47 -21.40 16.55
N GLN A 738 3.40 -20.95 17.81
CA GLN A 738 2.17 -20.50 18.40
C GLN A 738 1.91 -19.08 18.02
N ASN A 739 2.86 -18.38 17.43
CA ASN A 739 2.68 -16.99 17.14
C ASN A 739 2.52 -16.78 15.63
N GLY A 740 1.30 -16.56 15.20
CA GLY A 740 0.99 -16.44 13.79
C GLY A 740 1.81 -15.37 13.09
N LEU A 741 1.88 -14.17 13.69
CA LEU A 741 2.59 -13.10 13.06
C LEU A 741 4.04 -13.39 12.85
N VAL A 742 4.64 -14.01 13.82
CA VAL A 742 6.06 -14.35 13.68
C VAL A 742 6.22 -15.48 12.66
N MET A 743 5.30 -16.44 12.64
CA MET A 743 5.42 -17.54 11.67
C MET A 743 5.20 -17.05 10.24
N ASP A 744 4.44 -15.95 10.04
CA ASP A 744 4.31 -15.37 8.70
C ASP A 744 5.68 -15.13 8.08
N LYS A 745 6.65 -14.64 8.84
CA LYS A 745 7.99 -14.38 8.30
C LYS A 745 8.65 -15.66 7.76
N TRP A 746 8.38 -16.75 8.47
CA TRP A 746 8.92 -18.07 8.19
C TRP A 746 8.23 -18.68 6.95
N PHE A 747 6.91 -18.53 6.87
CA PHE A 747 6.17 -18.99 5.69
C PHE A 747 6.66 -18.19 4.48
N ILE A 748 6.97 -16.90 4.65
CA ILE A 748 7.50 -16.13 3.48
C ILE A 748 8.86 -16.67 3.04
N LEU A 749 9.74 -17.00 4.00
CA LEU A 749 11.04 -17.56 3.59
C LEU A 749 10.83 -18.93 2.93
N GLN A 750 9.92 -19.77 3.41
CA GLN A 750 9.67 -21.05 2.74
C GLN A 750 9.19 -20.82 1.31
N ALA A 751 8.21 -19.92 1.15
CA ALA A 751 7.56 -19.64 -0.16
C ALA A 751 8.51 -19.04 -1.19
N THR A 752 9.50 -18.27 -0.73
CA THR A 752 10.40 -17.57 -1.58
C THR A 752 11.75 -18.30 -1.67
N SER A 753 11.82 -19.54 -1.20
CA SER A 753 13.12 -20.21 -1.16
C SER A 753 13.62 -20.50 -2.60
N PRO A 754 14.90 -20.39 -2.83
CA PRO A 754 15.40 -20.85 -4.14
C PRO A 754 15.57 -22.37 -4.27
N ALA A 755 15.27 -23.16 -3.27
CA ALA A 755 15.47 -24.59 -3.39
C ALA A 755 14.67 -25.21 -4.52
N ALA A 756 15.24 -26.26 -5.12
CA ALA A 756 14.55 -26.89 -6.29
C ALA A 756 13.22 -27.47 -5.87
N ASN A 757 13.06 -27.86 -4.63
CA ASN A 757 11.82 -28.48 -4.20
C ASN A 757 10.82 -27.54 -3.47
N VAL A 758 10.93 -26.25 -3.75
CA VAL A 758 10.11 -25.25 -3.02
C VAL A 758 8.62 -25.49 -3.14
N LEU A 759 8.11 -25.91 -4.29
CA LEU A 759 6.65 -26.10 -4.39
C LEU A 759 6.16 -27.26 -3.57
N GLU A 760 6.88 -28.36 -3.63
CA GLU A 760 6.56 -29.49 -2.79
C GLU A 760 6.56 -29.04 -1.30
N THR A 761 7.51 -28.24 -0.89
CA THR A 761 7.51 -27.83 0.53
C THR A 761 6.33 -26.94 0.84
N VAL A 762 6.06 -25.98 -0.05
CA VAL A 762 4.91 -25.09 0.12
C VAL A 762 3.62 -25.85 0.21
N ARG A 763 3.40 -26.80 -0.69
CA ARG A 763 2.21 -27.62 -0.61
C ARG A 763 2.05 -28.38 0.76
N GLY A 764 3.13 -28.96 1.23
CA GLY A 764 3.21 -29.62 2.55
C GLY A 764 2.87 -28.69 3.71
N LEU A 765 3.30 -27.42 3.62
CA LEU A 765 2.96 -26.41 4.62
C LEU A 765 1.51 -26.03 4.68
N LEU A 766 0.70 -26.40 3.68
CA LEU A 766 -0.74 -26.26 3.82
C LEU A 766 -1.29 -27.05 5.03
N GLN A 767 -0.54 -28.04 5.49
CA GLN A 767 -0.90 -28.83 6.67
C GLN A 767 -0.10 -28.43 7.87
N HIS A 768 0.67 -27.39 7.78
CA HIS A 768 1.48 -27.01 8.98
C HIS A 768 0.58 -26.55 10.14
N ARG A 769 1.02 -26.85 11.35
CA ARG A 769 0.31 -26.43 12.59
C ARG A 769 0.08 -24.95 12.74
N SER A 770 0.90 -24.10 12.13
CA SER A 770 0.67 -22.68 12.17
C SER A 770 -0.09 -22.11 10.98
N PHE A 771 -0.40 -22.93 9.97
CA PHE A 771 -1.08 -22.44 8.75
C PHE A 771 -2.59 -22.67 8.85
N THR A 772 -3.41 -21.74 8.37
CA THR A 772 -4.83 -22.05 8.18
C THR A 772 -5.37 -21.20 7.04
N MET A 773 -6.17 -21.82 6.16
CA MET A 773 -6.86 -21.14 5.06
C MET A 773 -7.92 -20.16 5.58
N SER A 774 -8.25 -20.19 6.87
CA SER A 774 -9.25 -19.27 7.47
C SER A 774 -8.65 -17.86 7.77
N ASN A 775 -7.32 -17.69 7.64
CA ASN A 775 -6.66 -16.48 8.06
C ASN A 775 -5.95 -15.85 6.88
N PRO A 776 -6.36 -14.63 6.49
CA PRO A 776 -5.73 -13.98 5.35
C PRO A 776 -4.25 -13.77 5.47
N ASN A 777 -3.74 -13.45 6.66
CA ASN A 777 -2.32 -13.24 6.77
C ASN A 777 -1.54 -14.52 6.46
N ARG A 778 -1.99 -15.64 7.03
CA ARG A 778 -1.34 -16.91 6.69
C ARG A 778 -1.37 -17.22 5.17
N ILE A 779 -2.53 -17.05 4.59
CA ILE A 779 -2.70 -17.22 3.17
C ILE A 779 -1.73 -16.37 2.38
N ARG A 780 -1.62 -15.10 2.73
CA ARG A 780 -0.77 -14.23 1.97
C ARG A 780 0.71 -14.55 2.19
N SER A 781 1.04 -15.00 3.39
CA SER A 781 2.45 -15.24 3.73
CA SER A 781 2.45 -15.24 3.73
C SER A 781 2.98 -16.56 3.11
N LEU A 782 2.10 -17.49 2.80
CA LEU A 782 2.55 -18.77 2.22
C LEU A 782 2.24 -18.78 0.72
N ILE A 783 0.93 -18.69 0.41
CA ILE A 783 0.48 -18.84 -0.99
C ILE A 783 0.77 -17.57 -1.80
N GLY A 784 0.42 -16.41 -1.27
CA GLY A 784 0.68 -15.14 -1.96
C GLY A 784 2.17 -14.91 -2.21
N ALA A 785 3.00 -15.21 -1.24
CA ALA A 785 4.40 -14.97 -1.35
C ALA A 785 5.00 -15.91 -2.43
N PHE A 786 4.48 -17.14 -2.49
CA PHE A 786 4.97 -18.03 -3.52
C PHE A 786 4.67 -17.52 -4.91
N ALA A 787 3.40 -17.22 -5.16
CA ALA A 787 2.97 -16.77 -6.48
C ALA A 787 3.51 -15.40 -6.88
N GLY A 788 3.51 -14.46 -5.94
CA GLY A 788 3.90 -13.10 -6.18
C GLY A 788 5.37 -12.77 -5.96
N SER A 789 6.03 -13.43 -5.03
CA SER A 789 7.40 -13.12 -4.72
C SER A 789 8.39 -14.23 -5.03
N ASN A 790 7.94 -15.37 -5.54
CA ASN A 790 8.87 -16.33 -6.12
C ASN A 790 8.59 -16.57 -7.60
N PRO A 791 8.72 -15.53 -8.43
CA PRO A 791 8.28 -15.73 -9.88
C PRO A 791 9.05 -16.85 -10.57
N ALA A 792 10.26 -17.13 -10.15
CA ALA A 792 10.96 -18.19 -10.78
C ALA A 792 10.35 -19.57 -10.56
N ALA A 793 9.83 -19.83 -9.37
CA ALA A 793 9.15 -21.06 -9.08
C ALA A 793 7.67 -21.04 -9.53
N PHE A 794 7.03 -19.90 -9.35
CA PHE A 794 5.67 -19.75 -9.78
C PHE A 794 5.60 -20.06 -11.29
N HIS A 795 6.60 -19.55 -12.00
CA HIS A 795 6.69 -19.70 -13.44
C HIS A 795 7.56 -20.87 -13.93
N ALA A 796 7.67 -21.91 -13.11
CA ALA A 796 8.37 -23.12 -13.47
C ALA A 796 7.79 -23.57 -14.82
N GLU A 797 8.68 -24.02 -15.66
CA GLU A 797 8.35 -24.40 -17.04
C GLU A 797 7.36 -25.55 -17.19
N ASP A 798 7.28 -26.43 -16.22
CA ASP A 798 6.23 -27.48 -16.22
C ASP A 798 4.85 -26.95 -15.86
N GLY A 799 4.70 -25.63 -15.55
CA GLY A 799 3.38 -25.13 -15.26
C GLY A 799 2.79 -25.49 -13.87
N SER A 800 3.57 -26.16 -13.03
CA SER A 800 3.16 -26.56 -11.71
C SER A 800 2.73 -25.38 -10.82
N GLY A 801 3.32 -24.20 -10.99
CA GLY A 801 2.99 -23.09 -10.11
C GLY A 801 1.60 -22.60 -10.45
N TYR A 802 1.25 -22.58 -11.73
CA TYR A 802 -0.05 -22.10 -12.12
C TYR A 802 -1.13 -23.07 -11.61
N LEU A 803 -0.85 -24.39 -11.63
CA LEU A 803 -1.84 -25.38 -11.21
C LEU A 803 -2.09 -25.29 -9.73
N PHE A 804 -1.03 -25.04 -9.00
CA PHE A 804 -1.12 -24.88 -7.54
C PHE A 804 -2.03 -23.67 -7.20
N LEU A 805 -1.74 -22.54 -7.87
CA LEU A 805 -2.53 -21.34 -7.63
C LEU A 805 -3.98 -21.55 -8.00
N VAL A 806 -4.25 -22.22 -9.15
CA VAL A 806 -5.64 -22.55 -9.46
C VAL A 806 -6.35 -23.32 -8.33
N GLU A 807 -5.71 -24.33 -7.77
CA GLU A 807 -6.35 -25.07 -6.71
C GLU A 807 -6.64 -24.19 -5.51
N MET A 808 -5.68 -23.36 -5.15
CA MET A 808 -5.91 -22.51 -3.99
C MET A 808 -7.06 -21.53 -4.28
N LEU A 809 -7.08 -20.97 -5.47
CA LEU A 809 -8.12 -20.02 -5.83
C LEU A 809 -9.48 -20.63 -5.95
N THR A 810 -9.55 -21.91 -6.30
CA THR A 810 -10.81 -22.56 -6.36
C THR A 810 -11.48 -22.58 -4.92
N ASP A 811 -10.67 -22.74 -3.89
CA ASP A 811 -11.15 -22.66 -2.48
C ASP A 811 -11.48 -21.22 -2.17
N LEU A 812 -10.55 -20.32 -2.44
CA LEU A 812 -10.67 -18.91 -1.95
C LEU A 812 -11.73 -18.14 -2.65
N ASN A 813 -12.04 -18.51 -3.89
CA ASN A 813 -13.17 -17.89 -4.57
C ASN A 813 -14.48 -17.96 -3.82
N SER A 814 -14.73 -19.04 -3.10
CA SER A 814 -15.93 -19.23 -2.36
C SER A 814 -15.72 -18.75 -0.94
N ARG A 815 -14.53 -18.94 -0.40
CA ARG A 815 -14.29 -18.62 1.06
C ARG A 815 -14.13 -17.10 1.26
N ASN A 816 -13.32 -16.45 0.42
CA ASN A 816 -12.90 -15.09 0.70
C ASN A 816 -12.42 -14.47 -0.59
N PRO A 817 -13.36 -13.90 -1.32
CA PRO A 817 -13.05 -13.47 -2.69
C PRO A 817 -12.06 -12.33 -2.69
N GLN A 818 -12.08 -11.45 -1.69
CA GLN A 818 -11.09 -10.39 -1.67
C GLN A 818 -9.67 -10.92 -1.62
N VAL A 819 -9.38 -11.91 -0.78
CA VAL A 819 -8.05 -12.46 -0.74
CA VAL A 819 -8.01 -12.45 -0.78
C VAL A 819 -7.74 -13.25 -2.05
N ALA A 820 -8.74 -13.92 -2.58
CA ALA A 820 -8.59 -14.60 -3.88
C ALA A 820 -8.13 -13.59 -4.94
N SER A 821 -8.78 -12.44 -4.99
CA SER A 821 -8.47 -11.47 -6.03
C SER A 821 -7.08 -10.85 -5.87
N ARG A 822 -6.65 -10.70 -4.63
CA ARG A 822 -5.24 -10.32 -4.38
C ARG A 822 -4.24 -11.38 -4.97
N LEU A 823 -4.54 -12.65 -4.75
CA LEU A 823 -3.69 -13.76 -5.12
C LEU A 823 -3.77 -14.11 -6.57
N ILE A 824 -4.80 -13.67 -7.30
CA ILE A 824 -4.81 -13.97 -8.76
C ILE A 824 -3.88 -13.07 -9.56
N GLU A 825 -3.44 -11.98 -8.95
CA GLU A 825 -2.75 -10.93 -9.69
C GLU A 825 -1.57 -11.46 -10.54
N PRO A 826 -0.82 -12.44 -10.02
CA PRO A 826 0.32 -12.85 -10.85
C PRO A 826 -0.04 -13.55 -12.16
N LEU A 827 -1.24 -14.13 -12.23
CA LEU A 827 -1.69 -14.85 -13.41
C LEU A 827 -2.18 -13.95 -14.44
N ILE A 828 -2.62 -12.78 -14.01
CA ILE A 828 -3.09 -11.80 -15.00
C ILE A 828 -2.05 -11.02 -15.75
N ARG A 829 -0.79 -11.22 -15.40
CA ARG A 829 0.32 -10.70 -16.10
C ARG A 829 0.84 -11.51 -17.23
N LEU A 830 0.07 -12.49 -17.69
CA LEU A 830 0.52 -13.45 -18.73
C LEU A 830 1.11 -12.86 -20.00
N LYS A 831 0.63 -11.72 -20.45
CA LYS A 831 1.13 -11.20 -21.73
C LYS A 831 2.58 -10.69 -21.64
N ARG A 832 3.13 -10.56 -20.41
CA ARG A 832 4.55 -10.22 -20.23
C ARG A 832 5.45 -11.40 -20.40
N TYR A 833 4.91 -12.61 -20.53
CA TYR A 833 5.74 -13.82 -20.57
C TYR A 833 5.79 -14.41 -21.97
N ASP A 834 6.64 -15.41 -22.12
CA ASP A 834 6.82 -16.11 -23.39
C ASP A 834 5.62 -16.93 -23.77
N ALA A 835 5.52 -17.28 -25.07
CA ALA A 835 4.29 -17.93 -25.61
C ALA A 835 3.91 -19.17 -24.87
N LYS A 836 4.85 -20.01 -24.56
CA LYS A 836 4.53 -21.23 -23.89
C LYS A 836 3.94 -21.04 -22.47
N ARG A 837 4.55 -20.13 -21.71
CA ARG A 837 3.98 -19.74 -20.40
C ARG A 837 2.67 -19.08 -20.58
N GLN A 838 2.52 -18.18 -21.59
CA GLN A 838 1.19 -17.60 -21.77
C GLN A 838 0.12 -18.61 -21.97
N GLU A 839 0.42 -19.60 -22.78
CA GLU A 839 -0.55 -20.61 -23.02
C GLU A 839 -1.05 -21.33 -21.77
N LYS A 840 -0.13 -21.74 -20.92
CA LYS A 840 -0.50 -22.38 -19.66
C LYS A 840 -1.23 -21.44 -18.69
N MET A 841 -0.87 -20.17 -18.69
CA MET A 841 -1.50 -19.22 -17.75
C MET A 841 -2.91 -18.94 -18.22
N ARG A 842 -3.10 -18.84 -19.55
CA ARG A 842 -4.46 -18.69 -20.13
C ARG A 842 -5.34 -19.89 -19.79
N ALA A 843 -4.81 -21.10 -19.95
CA ALA A 843 -5.52 -22.31 -19.60
C ALA A 843 -5.96 -22.30 -18.13
N ALA A 844 -5.04 -21.91 -17.25
CA ALA A 844 -5.39 -21.71 -15.81
C ALA A 844 -6.50 -20.68 -15.62
N LEU A 845 -6.43 -19.53 -16.29
CA LEU A 845 -7.47 -18.51 -16.17
C LEU A 845 -8.79 -19.04 -16.71
N GLU A 846 -8.72 -19.78 -17.81
CA GLU A 846 -10.00 -20.34 -18.38
C GLU A 846 -10.58 -21.34 -17.43
N GLN A 847 -9.76 -22.10 -16.75
CA GLN A 847 -10.35 -22.99 -15.72
C GLN A 847 -11.09 -22.24 -14.59
N LEU A 848 -10.49 -21.20 -14.09
CA LEU A 848 -11.11 -20.35 -13.10
C LEU A 848 -12.38 -19.63 -13.63
N LYS A 849 -12.38 -19.22 -14.90
CA LYS A 849 -13.54 -18.52 -15.51
C LYS A 849 -14.78 -19.43 -15.44
N GLY A 850 -14.55 -20.71 -15.47
CA GLY A 850 -15.66 -21.64 -15.47
C GLY A 850 -16.09 -22.14 -14.11
N LEU A 851 -15.57 -21.56 -13.03
CA LEU A 851 -15.91 -22.04 -11.68
C LEU A 851 -17.37 -21.76 -11.46
N GLU A 852 -18.02 -22.70 -10.82
CA GLU A 852 -19.36 -22.45 -10.35
C GLU A 852 -19.24 -21.37 -9.26
N ASN A 853 -20.22 -20.50 -9.27
CA ASN A 853 -20.28 -19.36 -8.35
C ASN A 853 -19.01 -18.49 -8.41
N LEU A 854 -18.58 -18.12 -9.59
CA LEU A 854 -17.40 -17.27 -9.75
C LEU A 854 -17.67 -15.92 -9.11
N SER A 855 -16.82 -15.47 -8.19
CA SER A 855 -17.00 -14.19 -7.59
C SER A 855 -16.82 -13.03 -8.62
N GLY A 856 -17.52 -11.94 -8.40
CA GLY A 856 -17.35 -10.69 -9.20
C GLY A 856 -15.91 -10.25 -9.14
N ASP A 857 -15.30 -10.41 -7.98
CA ASP A 857 -13.92 -10.01 -7.73
C ASP A 857 -12.99 -10.70 -8.72
N LEU A 858 -13.05 -12.03 -8.83
CA LEU A 858 -12.26 -12.74 -9.81
C LEU A 858 -12.70 -12.50 -11.26
N TYR A 859 -14.00 -12.44 -11.47
CA TYR A 859 -14.54 -12.29 -12.81
C TYR A 859 -13.98 -11.06 -13.52
N GLU A 860 -13.92 -9.93 -12.80
CA GLU A 860 -13.39 -8.71 -13.39
C GLU A 860 -11.95 -8.90 -13.89
N LYS A 861 -11.10 -9.48 -13.05
CA LYS A 861 -9.69 -9.65 -13.40
C LYS A 861 -9.50 -10.68 -14.53
N ILE A 862 -10.17 -11.80 -14.42
CA ILE A 862 -10.09 -12.88 -15.41
C ILE A 862 -10.53 -12.40 -16.80
N THR A 863 -11.63 -11.64 -16.86
CA THR A 863 -12.15 -11.20 -18.16
C THR A 863 -11.14 -10.18 -18.80
N LYS A 864 -10.58 -9.22 -18.05
CA LYS A 864 -9.54 -8.34 -18.55
C LYS A 864 -8.30 -9.14 -19.02
N ALA A 865 -7.90 -10.14 -18.25
CA ALA A 865 -6.71 -10.90 -18.57
C ALA A 865 -6.83 -11.73 -19.86
N LEU A 866 -8.02 -12.25 -20.11
CA LEU A 866 -8.25 -13.14 -21.22
C LEU A 866 -8.62 -12.39 -22.47
N ALA A 867 -8.83 -11.09 -22.37
CA ALA A 867 -9.19 -10.31 -23.53
C ALA A 867 -8.02 -10.21 -24.53
ZN ZN B . -6.10 4.66 3.46
N DPP C . -6.10 0.40 2.94
CA DPP C . -7.32 1.33 3.24
C DPP C . -6.65 2.46 3.74
O DPP C . -5.78 2.69 2.83
CB DPP C . -8.47 1.25 4.24
NG DPP C . -9.41 2.34 3.99
OXT DPP C . -7.02 3.02 4.81
NA NA D . 13.70 13.00 8.51
NA NA E . 24.42 14.55 -25.75
NA NA F . -30.10 -8.98 -1.38
NA NA G . -27.43 12.98 4.61
NA NA H . 24.89 12.58 -22.97
NA NA I . -2.91 -25.98 10.32
NA NA J . -31.25 8.97 15.38
C1 GOL K . 0.80 11.27 -26.12
O1 GOL K . 1.69 11.21 -24.98
C2 GOL K . 0.95 10.11 -27.11
O2 GOL K . 1.87 10.36 -28.22
C3 GOL K . 1.41 9.06 -26.15
O3 GOL K . 1.71 7.82 -26.70
C1 GOL L . 20.41 -12.45 -3.20
O1 GOL L . 20.19 -11.96 -1.85
C2 GOL L . 19.67 -13.73 -3.45
O2 GOL L . 18.60 -13.61 -2.47
C3 GOL L . 19.23 -13.82 -4.94
O3 GOL L . 18.02 -13.03 -5.18
C1 GOL M . 18.89 8.83 -12.43
O1 GOL M . 19.85 7.76 -12.61
C2 GOL M . 19.38 9.75 -11.24
O2 GOL M . 18.40 10.59 -10.47
C3 GOL M . 20.32 10.56 -12.07
O3 GOL M . 19.40 11.23 -12.97
C1 GOL N . 14.51 1.25 22.45
O1 GOL N . 14.34 1.88 21.15
C2 GOL N . 15.54 2.07 23.16
O2 GOL N . 15.29 3.52 22.87
C3 GOL N . 15.83 1.56 24.57
O3 GOL N . 17.26 1.81 25.02
C1 GOL O . 9.96 7.65 15.56
O1 GOL O . 10.30 7.23 14.27
C2 GOL O . 11.25 7.75 16.34
O2 GOL O . 11.04 8.79 17.28
C3 GOL O . 11.55 6.41 17.00
O3 GOL O . 12.88 6.30 17.54
C1 GOL P . 23.32 -8.73 18.11
O1 GOL P . 21.95 -8.84 17.75
C2 GOL P . 24.23 -8.99 16.88
O2 GOL P . 23.64 -8.33 15.77
C3 GOL P . 24.36 -10.45 16.45
O3 GOL P . 25.13 -10.53 15.23
C1 GOL Q . -15.90 26.49 9.32
O1 GOL Q . -17.33 26.37 8.95
C2 GOL Q . -14.90 25.48 8.70
O2 GOL Q . -14.64 24.23 9.46
C3 GOL Q . -15.40 25.21 7.26
O3 GOL Q . -15.42 26.48 6.56
C1 GOL R . 13.92 -14.77 18.42
O1 GOL R . 13.88 -13.22 18.28
C2 GOL R . 14.78 -15.68 17.46
O2 GOL R . 14.20 -16.78 16.79
C3 GOL R . 15.96 -16.47 18.05
O3 GOL R . 16.92 -15.55 18.62
C1 GOL S . -8.92 -2.48 1.60
O1 GOL S . -8.00 -1.59 2.33
C2 GOL S . -10.39 -2.35 2.07
O2 GOL S . -10.73 -1.28 2.94
C3 GOL S . -11.34 -2.22 0.88
O3 GOL S . -11.74 -3.55 0.56
C1 MLI T . -2.67 -5.18 3.58
C2 MLI T . -1.32 -5.25 4.21
C3 MLI T . -2.85 -4.54 2.18
O6 MLI T . -0.74 -4.15 4.17
O7 MLI T . -0.83 -6.31 4.76
O8 MLI T . -4.03 -4.15 1.89
O9 MLI T . -1.89 -4.42 1.36
#